data_6CW6
#
_entry.id   6CW6
#
_cell.length_a   78.641
_cell.length_b   190.354
_cell.length_c   150.785
_cell.angle_alpha   90.000
_cell.angle_beta   90.000
_cell.angle_gamma   90.000
#
_symmetry.space_group_name_H-M   'C 2 2 21'
#
loop_
_entity.id
_entity.type
_entity.pdbx_description
1 polymer 'Antigen-presenting glycoprotein CD1d1'
2 polymer Beta-2-microglobulin
3 polymer 'Chimeric T cell antigen receptor alpha chain'
4 polymer 'Chimeric T cell antigen receptor beta chain Vb8.2'
5 branched 2-acetamido-2-deoxy-beta-D-glucopyranose-(1-4)-[alpha-L-fucopyranose-(1-6)]2-acetamido-2-deoxy-beta-D-glucopyranose
6 non-polymer 2-acetamido-2-deoxy-beta-D-glucopyranose
7 non-polymer (2S,3S,4R)-N-OCTANOYL-1-[(ALPHA-D-GALACTOPYRANOSYL)OXY]-2-AMINO-OCTADECANE-3,4-DIOL
8 non-polymer 'PALMITIC ACID'
#
loop_
_entity_poly.entity_id
_entity_poly.type
_entity_poly.pdbx_seq_one_letter_code
_entity_poly.pdbx_strand_id
1 'polypeptide(L)'
;SEAQQKNYTFRCLQMSSFANRSWSRTDSVVWLGDLQTHRWSNDSATISFTKPWSQGKLSNQQWEKLQHMFQVYRVSFTRD
IQELVKMMSPKEDYPIEIQLSAGCEMYPGNASESFLHVAFQGKYVVRFWGTSWQTVPGAPSWLDLPIKVLNADQGTSATV
QMLLNDTCPLFVRGLLEAGKSDLEKQEKPVAWLSSVPSSADGHRQLVCHVSGFYPKPVWVMWMRGDQEQQGTHRGDFLPN
ADETWYLQATLDVEAGEEAGLACRVKHSSLGGQDIILYWHHHHHH
;
A
2 'polypeptide(L)'
;IQKTPQIQVYSRHPPENGKPNILNCYVTQFHPPHIEIQMLKNGKKIPKVEMSDMSFSKDWSFYILAHTEFTPTETDTYAC
RVKHASMAEPKTVYWDRDM
;
B
3 'polypeptide(L)'
;MKTQVEQSPQSLVVRQGENCVLQCNYSVTPDNHLRWFKQDTGKGLVSLTVLVDQKDKTSNGRYSATLDKDAKHSTLHITA
TLLDDTATYICVVGDRGSALGRLHFGAGTQLIVIPDIQNPDPAVYQLRDSKSSDKSVCLFTDFDSQTNVSQSKDSDVYIT
DKCVLDMRSMDFKSNSAVAWSNKSDFACANAFNNSIIPEDTFFPSPESS
;
C
4 'polypeptide(L)'
;MEAAVTQSPRNKVAVTGGKVTLSCNQTNNHNNMYWYRQDTGHGLRLIHYSYGAGSTEKGDIPDGYKASRPSQENFSLILE
LATPSQTSVYFCASGDEGYTQYFGPGTRLLVLEDLRNVTPPKVSLFEPSKAEISHTQKATLVCLATGFYPDHVELSWWVN
GKEVHSGVCTDPQPLKEQPALNDSRYSLSSRLRVSATFWQNPRNHFRCQVQFYGLSENDEWTQDRAKPVTQIVSAEAWGR
A
;
D
#
# COMPACT_ATOMS: atom_id res chain seq x y z
N ASN A 7 -4.84 42.99 1.33
CA ASN A 7 -5.78 41.88 0.96
C ASN A 7 -5.10 40.79 0.08
N TYR A 8 -4.43 39.83 0.73
CA TYR A 8 -3.44 38.95 0.06
C TYR A 8 -3.92 37.51 -0.16
N THR A 9 -3.52 36.92 -1.29
CA THR A 9 -3.77 35.51 -1.59
C THR A 9 -2.48 34.67 -1.49
N PHE A 10 -2.55 33.64 -0.66
CA PHE A 10 -1.48 32.66 -0.49
C PHE A 10 -1.78 31.47 -1.43
N ARG A 11 -0.79 31.10 -2.25
CA ARG A 11 -0.94 30.06 -3.27
C ARG A 11 0.18 29.02 -3.23
N CYS A 12 -0.19 27.74 -3.15
CA CYS A 12 0.74 26.63 -3.27
C CYS A 12 0.51 25.95 -4.61
N LEU A 13 1.32 26.32 -5.59
CA LEU A 13 1.19 25.77 -6.92
C LEU A 13 2.08 24.53 -7.05
N GLN A 14 1.44 23.36 -7.22
CA GLN A 14 2.12 22.08 -7.44
C GLN A 14 1.88 21.65 -8.87
N MET A 15 2.91 21.11 -9.51
CA MET A 15 2.83 20.57 -10.86
C MET A 15 3.55 19.22 -10.90
N SER A 16 2.86 18.21 -11.41
CA SER A 16 3.34 16.86 -11.39
C SER A 16 3.18 16.23 -12.77
N SER A 17 4.29 15.75 -13.34
CA SER A 17 4.30 15.08 -14.64
C SER A 17 4.54 13.59 -14.43
N PHE A 18 3.71 12.76 -15.06
CA PHE A 18 3.85 11.31 -15.03
C PHE A 18 4.07 10.86 -16.47
N ALA A 19 5.31 10.57 -16.85
CA ALA A 19 5.67 10.34 -18.25
C ALA A 19 5.23 8.98 -18.75
N ASN A 20 5.38 7.98 -17.87
CA ASN A 20 5.00 6.60 -18.15
C ASN A 20 4.79 5.87 -16.80
N ARG A 21 4.71 4.55 -16.80
CA ARG A 21 4.47 3.76 -15.60
C ARG A 21 5.46 4.00 -14.45
N SER A 22 6.71 4.32 -14.77
CA SER A 22 7.77 4.38 -13.74
C SER A 22 8.49 5.72 -13.55
N TRP A 23 8.22 6.73 -14.40
CA TRP A 23 8.88 8.05 -14.31
C TRP A 23 7.89 9.16 -13.93
N SER A 24 8.19 9.88 -12.85
CA SER A 24 7.44 11.08 -12.50
C SER A 24 8.30 12.11 -11.78
N ARG A 25 7.82 13.35 -11.80
CA ARG A 25 8.41 14.39 -10.97
C ARG A 25 7.32 15.31 -10.44
N THR A 26 7.52 15.79 -9.21
CA THR A 26 6.61 16.74 -8.57
C THR A 26 7.40 17.94 -8.04
N ASP A 27 7.06 19.14 -8.54
CA ASP A 27 7.70 20.40 -8.17
C ASP A 27 6.66 21.41 -7.67
N SER A 28 6.98 22.14 -6.60
CA SER A 28 6.06 23.16 -6.02
C SER A 28 6.72 24.54 -5.94
N VAL A 29 5.93 25.60 -6.13
CA VAL A 29 6.35 26.97 -5.79
C VAL A 29 5.22 27.65 -5.02
N VAL A 30 5.56 28.52 -4.08
CA VAL A 30 4.58 29.11 -3.19
C VAL A 30 4.66 30.63 -3.26
N TRP A 31 3.51 31.28 -3.44
CA TRP A 31 3.40 32.72 -3.58
C TRP A 31 2.52 33.32 -2.48
N LEU A 32 2.92 34.50 -2.01
CA LEU A 32 2.10 35.35 -1.16
C LEU A 32 1.93 36.64 -1.94
N GLY A 33 0.74 36.83 -2.49
CA GLY A 33 0.51 37.89 -3.47
C GLY A 33 1.35 37.56 -4.68
N ASP A 34 2.19 38.50 -5.11
CA ASP A 34 3.11 38.27 -6.23
C ASP A 34 4.59 38.05 -5.83
N LEU A 35 4.86 37.77 -4.55
CA LEU A 35 6.23 37.40 -4.08
C LEU A 35 6.40 35.90 -3.72
N GLN A 36 7.46 35.27 -4.21
CA GLN A 36 7.73 33.85 -3.93
C GLN A 36 8.27 33.64 -2.51
N THR A 37 7.61 32.76 -1.75
CA THR A 37 7.99 32.44 -0.38
C THR A 37 8.69 31.10 -0.24
N HIS A 38 8.33 30.12 -1.09
CA HIS A 38 8.94 28.80 -1.02
C HIS A 38 9.17 28.22 -2.40
N ARG A 39 9.95 27.14 -2.43
CA ARG A 39 9.95 26.21 -3.55
C ARG A 39 10.29 24.82 -3.04
N TRP A 40 9.84 23.81 -3.79
CA TRP A 40 10.18 22.45 -3.50
C TRP A 40 10.41 21.70 -4.81
N SER A 41 11.68 21.59 -5.17
CA SER A 41 12.13 20.81 -6.32
C SER A 41 11.99 19.30 -6.05
N ASN A 42 11.74 18.51 -7.10
CA ASN A 42 11.74 17.03 -6.99
C ASN A 42 13.08 16.56 -6.40
N ASP A 43 14.16 17.14 -6.92
CA ASP A 43 15.55 16.87 -6.49
C ASP A 43 15.77 16.96 -4.98
N SER A 44 15.07 17.87 -4.32
CA SER A 44 15.26 18.17 -2.90
C SER A 44 14.33 17.37 -1.98
N ALA A 45 14.90 16.90 -0.86
CA ALA A 45 14.16 16.20 0.19
C ALA A 45 13.34 17.17 1.05
N THR A 46 13.77 18.43 1.10
CA THR A 46 13.17 19.46 1.98
C THR A 46 12.62 20.64 1.20
N ILE A 47 11.67 21.35 1.81
CA ILE A 47 11.07 22.53 1.22
C ILE A 47 12.02 23.70 1.43
N SER A 48 12.29 24.47 0.38
CA SER A 48 13.19 25.62 0.47
C SER A 48 12.46 26.92 0.77
N PHE A 49 13.04 27.74 1.65
CA PHE A 49 12.65 29.12 1.83
C PHE A 49 13.32 29.96 0.75
N THR A 50 12.54 30.83 0.12
CA THR A 50 13.08 31.84 -0.80
C THR A 50 12.99 33.24 -0.19
N LYS A 51 12.55 33.34 1.07
CA LYS A 51 12.64 34.60 1.82
C LYS A 51 13.20 34.32 3.20
N PRO A 52 13.76 35.34 3.86
CA PRO A 52 14.18 35.15 5.27
C PRO A 52 13.03 34.82 6.21
N TRP A 53 11.83 35.27 5.86
CA TRP A 53 10.62 35.17 6.72
C TRP A 53 9.66 34.06 6.27
N SER A 54 10.13 33.13 5.45
CA SER A 54 9.25 32.11 4.87
C SER A 54 8.66 31.12 5.91
N GLN A 55 9.39 30.92 7.01
CA GLN A 55 8.92 30.09 8.12
C GLN A 55 7.72 30.70 8.86
N GLY A 56 7.49 32.00 8.67
CA GLY A 56 6.35 32.70 9.26
C GLY A 56 6.60 32.98 10.72
N LYS A 57 5.58 32.77 11.55
CA LYS A 57 5.70 32.79 13.02
C LYS A 57 5.63 31.36 13.60
N LEU A 58 5.84 30.34 12.76
CA LEU A 58 5.87 28.96 13.26
C LEU A 58 7.19 28.68 13.99
N SER A 59 7.13 27.94 15.09
CA SER A 59 8.35 27.49 15.77
C SER A 59 9.08 26.50 14.86
N ASN A 60 10.32 26.15 15.21
CA ASN A 60 11.05 25.15 14.44
C ASN A 60 10.38 23.79 14.53
N GLN A 61 9.92 23.44 15.73
CA GLN A 61 9.26 22.16 15.93
C GLN A 61 7.98 22.06 15.09
N GLN A 62 7.24 23.16 14.97
CA GLN A 62 6.00 23.21 14.18
C GLN A 62 6.24 23.10 12.69
N TRP A 63 7.31 23.76 12.22
CA TRP A 63 7.70 23.68 10.82
C TRP A 63 8.22 22.28 10.42
N GLU A 64 8.99 21.63 11.28
CA GLU A 64 9.53 20.28 10.98
C GLU A 64 8.41 19.26 10.84
N LYS A 65 7.42 19.34 11.73
CA LYS A 65 6.23 18.48 11.67
C LYS A 65 5.36 18.76 10.46
N LEU A 66 5.28 20.02 10.06
CA LEU A 66 4.55 20.42 8.86
C LEU A 66 5.24 19.95 7.57
N GLN A 67 6.54 20.17 7.47
CA GLN A 67 7.33 19.70 6.33
C GLN A 67 7.28 18.18 6.21
N HIS A 68 7.37 17.49 7.34
CA HIS A 68 7.33 16.01 7.35
C HIS A 68 5.99 15.47 6.81
N MET A 69 4.90 16.14 7.16
CA MET A 69 3.62 15.82 6.58
C MET A 69 3.67 15.92 5.03
N PHE A 70 4.23 17.02 4.53
CA PHE A 70 4.36 17.20 3.08
C PHE A 70 5.28 16.16 2.46
N GLN A 71 6.39 15.87 3.13
CA GLN A 71 7.33 14.84 2.65
C GLN A 71 6.65 13.49 2.43
N VAL A 72 5.84 13.07 3.39
CA VAL A 72 5.03 11.86 3.28
C VAL A 72 3.97 12.00 2.16
N TYR A 73 3.34 13.16 2.09
CA TYR A 73 2.37 13.47 1.03
C TYR A 73 2.93 13.28 -0.38
N ARG A 74 4.13 13.79 -0.62
CA ARG A 74 4.67 13.79 -1.98
C ARG A 74 4.89 12.37 -2.54
N VAL A 75 5.50 11.53 -1.71
CA VAL A 75 5.70 10.11 -2.03
C VAL A 75 4.35 9.41 -2.19
N SER A 76 3.47 9.62 -1.22
CA SER A 76 2.15 9.01 -1.22
C SER A 76 1.31 9.44 -2.41
N PHE A 77 1.37 10.74 -2.75
CA PHE A 77 0.68 11.28 -3.94
C PHE A 77 1.14 10.61 -5.22
N THR A 78 2.45 10.40 -5.34
CA THR A 78 3.02 9.82 -6.54
C THR A 78 2.50 8.39 -6.77
N ARG A 79 2.49 7.59 -5.71
CA ARG A 79 2.02 6.21 -5.85
C ARG A 79 0.53 6.16 -6.17
N ASP A 80 -0.24 7.02 -5.51
CA ASP A 80 -1.71 7.03 -5.66
C ASP A 80 -2.15 7.34 -7.07
N ILE A 81 -1.54 8.36 -7.67
CA ILE A 81 -1.79 8.71 -9.08
C ILE A 81 -1.48 7.51 -9.97
N GLN A 82 -0.27 6.96 -9.82
CA GLN A 82 0.16 5.77 -10.56
C GLN A 82 -0.83 4.64 -10.44
N GLU A 83 -1.36 4.48 -9.24
CA GLU A 83 -2.31 3.42 -8.93
C GLU A 83 -3.72 3.76 -9.42
N LEU A 84 -4.08 5.03 -9.41
CA LEU A 84 -5.35 5.45 -10.01
C LEU A 84 -5.37 5.30 -11.55
N VAL A 85 -4.21 5.46 -12.20
CA VAL A 85 -4.09 5.27 -13.65
C VAL A 85 -4.33 3.80 -14.00
N LYS A 86 -3.75 2.91 -13.19
CA LYS A 86 -4.02 1.46 -13.28
C LYS A 86 -5.48 1.06 -13.06
N MET A 87 -6.14 1.76 -12.16
CA MET A 87 -7.54 1.48 -11.84
C MET A 87 -8.42 1.86 -13.03
N MET A 88 -8.09 2.96 -13.70
CA MET A 88 -8.87 3.45 -14.84
C MET A 88 -8.53 2.83 -16.18
N SER A 89 -7.29 2.37 -16.37
CA SER A 89 -6.83 1.96 -17.71
C SER A 89 -7.72 0.84 -18.32
N PRO A 90 -7.93 0.85 -19.63
CA PRO A 90 -7.23 1.72 -20.60
C PRO A 90 -7.90 3.10 -20.87
N LYS A 91 -8.84 3.50 -20.02
CA LYS A 91 -9.54 4.78 -20.16
C LYS A 91 -8.57 5.97 -20.27
N GLU A 92 -7.61 6.02 -19.35
CA GLU A 92 -6.61 7.08 -19.35
C GLU A 92 -5.23 6.46 -19.20
N ASP A 93 -4.26 6.96 -19.97
CA ASP A 93 -2.86 6.53 -19.89
C ASP A 93 -1.87 7.71 -19.97
N TYR A 94 -0.59 7.42 -19.75
CA TYR A 94 0.45 8.44 -19.68
C TYR A 94 0.77 8.98 -21.08
N PRO A 95 1.37 10.17 -21.24
CA PRO A 95 1.72 11.10 -20.17
C PRO A 95 0.51 11.76 -19.49
N ILE A 96 0.62 12.02 -18.19
CA ILE A 96 -0.41 12.69 -17.41
C ILE A 96 0.25 13.87 -16.68
N GLU A 97 -0.46 14.99 -16.61
CA GLU A 97 -0.05 16.14 -15.82
C GLU A 97 -1.13 16.45 -14.78
N ILE A 98 -0.78 16.31 -13.52
CA ILE A 98 -1.61 16.74 -12.41
C ILE A 98 -1.08 18.11 -11.94
N GLN A 99 -1.99 19.04 -11.65
CA GLN A 99 -1.65 20.34 -11.05
C GLN A 99 -2.61 20.62 -9.89
N LEU A 100 -2.07 21.09 -8.77
CA LEU A 100 -2.88 21.56 -7.64
C LEU A 100 -2.67 23.05 -7.46
N SER A 101 -3.71 23.75 -7.04
CA SER A 101 -3.59 25.13 -6.58
C SER A 101 -4.32 25.25 -5.26
N ALA A 102 -3.58 25.53 -4.20
CA ALA A 102 -4.13 25.44 -2.84
C ALA A 102 -3.59 26.52 -1.93
N GLY A 103 -4.41 26.89 -0.96
CA GLY A 103 -4.07 27.94 -0.02
C GLY A 103 -5.31 28.67 0.42
N CYS A 104 -5.13 29.94 0.76
CA CYS A 104 -6.19 30.74 1.34
C CYS A 104 -6.00 32.21 0.99
N GLU A 105 -7.10 32.92 0.72
CA GLU A 105 -7.10 34.36 0.52
C GLU A 105 -7.49 35.01 1.83
N MET A 106 -6.69 35.99 2.27
CA MET A 106 -6.85 36.63 3.58
C MET A 106 -7.61 37.95 3.44
N TYR A 107 -8.59 38.15 4.32
CA TYR A 107 -9.44 39.33 4.36
C TYR A 107 -9.22 40.04 5.70
N PRO A 108 -9.64 41.32 5.81
CA PRO A 108 -9.44 42.01 7.10
C PRO A 108 -10.25 41.41 8.25
N GLY A 109 -9.84 41.73 9.47
CA GLY A 109 -10.37 41.08 10.67
C GLY A 109 -9.77 39.70 10.77
N ASN A 110 -10.63 38.69 10.84
CA ASN A 110 -10.21 37.29 10.94
C ASN A 110 -10.70 36.43 9.77
N ALA A 111 -11.29 37.05 8.75
CA ALA A 111 -11.94 36.30 7.66
C ALA A 111 -10.93 35.71 6.66
N SER A 112 -11.31 34.59 6.04
CA SER A 112 -10.56 33.97 4.95
C SER A 112 -11.38 32.86 4.28
N GLU A 113 -11.11 32.62 3.00
CA GLU A 113 -11.56 31.42 2.29
C GLU A 113 -10.33 30.60 1.98
N SER A 114 -10.44 29.27 2.11
CA SER A 114 -9.39 28.34 1.69
C SER A 114 -9.86 27.58 0.46
N PHE A 115 -8.92 27.22 -0.40
CA PHE A 115 -9.22 26.54 -1.64
C PHE A 115 -8.21 25.42 -1.87
N LEU A 116 -8.61 24.43 -2.64
CA LEU A 116 -7.72 23.36 -3.08
C LEU A 116 -8.33 22.81 -4.36
N HIS A 117 -7.75 23.22 -5.49
CA HIS A 117 -8.28 22.92 -6.83
C HIS A 117 -7.30 22.03 -7.55
N VAL A 118 -7.80 21.01 -8.24
CA VAL A 118 -6.95 20.06 -8.94
C VAL A 118 -7.22 20.07 -10.44
N ALA A 119 -6.16 20.00 -11.25
CA ALA A 119 -6.30 19.98 -12.71
C ALA A 119 -5.66 18.74 -13.33
N PHE A 120 -6.37 18.15 -14.28
CA PHE A 120 -5.93 16.94 -14.97
C PHE A 120 -5.77 17.27 -16.46
N GLN A 121 -4.55 17.15 -16.96
CA GLN A 121 -4.20 17.53 -18.34
C GLN A 121 -4.57 18.99 -18.67
N GLY A 122 -4.38 19.87 -17.70
CA GLY A 122 -4.67 21.30 -17.87
C GLY A 122 -6.10 21.74 -17.63
N LYS A 123 -7.00 20.81 -17.29
CA LYS A 123 -8.39 21.16 -17.03
C LYS A 123 -8.74 20.98 -15.55
N TYR A 124 -9.29 22.03 -14.96
CA TYR A 124 -9.79 22.02 -13.58
C TYR A 124 -10.92 20.99 -13.50
N VAL A 125 -10.77 20.02 -12.61
CA VAL A 125 -11.74 18.90 -12.49
C VAL A 125 -12.20 18.57 -11.07
N VAL A 126 -11.31 18.68 -10.09
CA VAL A 126 -11.59 18.26 -8.71
C VAL A 126 -11.23 19.40 -7.75
N ARG A 127 -11.95 19.48 -6.64
CA ARG A 127 -11.56 20.31 -5.51
C ARG A 127 -11.82 19.59 -4.20
N PHE A 128 -11.18 20.04 -3.13
CA PHE A 128 -11.63 19.70 -1.78
C PHE A 128 -12.64 20.76 -1.40
N TRP A 129 -13.81 20.31 -0.93
CA TRP A 129 -14.89 21.20 -0.50
C TRP A 129 -15.64 20.57 0.67
N GLY A 130 -15.71 21.30 1.79
CA GLY A 130 -16.37 20.82 2.98
C GLY A 130 -15.54 19.78 3.68
N THR A 131 -15.99 18.52 3.62
CA THR A 131 -15.28 17.38 4.23
C THR A 131 -14.95 16.28 3.21
N SER A 132 -14.88 16.64 1.93
CA SER A 132 -14.70 15.65 0.87
C SER A 132 -14.21 16.22 -0.45
N TRP A 133 -13.68 15.33 -1.28
CA TRP A 133 -13.40 15.63 -2.68
C TRP A 133 -14.70 15.55 -3.49
N GLN A 134 -14.81 16.41 -4.49
CA GLN A 134 -15.91 16.34 -5.47
C GLN A 134 -15.40 16.83 -6.81
N THR A 135 -16.01 16.37 -7.90
CA THR A 135 -15.74 16.96 -9.20
C THR A 135 -16.50 18.26 -9.34
N VAL A 136 -15.95 19.16 -10.14
CA VAL A 136 -16.61 20.40 -10.51
C VAL A 136 -17.35 20.17 -11.83
N PRO A 137 -18.26 21.09 -12.20
CA PRO A 137 -18.93 21.09 -13.50
C PRO A 137 -17.97 20.95 -14.69
N GLY A 138 -18.40 20.17 -15.68
CA GLY A 138 -17.60 19.90 -16.88
C GLY A 138 -16.68 18.70 -16.80
N ALA A 139 -16.55 18.11 -15.62
CA ALA A 139 -15.56 17.05 -15.38
C ALA A 139 -16.07 15.77 -15.96
N PRO A 140 -15.15 14.96 -16.55
CA PRO A 140 -15.61 13.70 -17.10
C PRO A 140 -16.05 12.76 -15.97
N SER A 141 -17.13 12.02 -16.22
CA SER A 141 -17.79 11.26 -15.19
C SER A 141 -17.01 10.04 -14.69
N TRP A 142 -15.95 9.63 -15.40
CA TRP A 142 -15.05 8.55 -14.95
C TRP A 142 -14.29 8.85 -13.66
N LEU A 143 -14.08 10.14 -13.37
CA LEU A 143 -13.45 10.58 -12.12
C LEU A 143 -14.24 10.23 -10.85
N ASP A 144 -15.52 9.91 -10.98
CA ASP A 144 -16.31 9.41 -9.87
C ASP A 144 -15.70 8.21 -9.15
N LEU A 145 -14.98 7.33 -9.85
CA LEU A 145 -14.31 6.23 -9.15
C LEU A 145 -13.09 6.73 -8.34
N PRO A 146 -12.18 7.49 -8.97
CA PRO A 146 -11.15 8.14 -8.17
C PRO A 146 -11.67 8.95 -6.98
N ILE A 147 -12.76 9.68 -7.16
CA ILE A 147 -13.38 10.44 -6.07
C ILE A 147 -13.92 9.53 -4.97
N LYS A 148 -14.63 8.46 -5.34
CA LYS A 148 -15.13 7.52 -4.34
C LYS A 148 -13.99 6.90 -3.52
N VAL A 149 -12.86 6.62 -4.19
CA VAL A 149 -11.71 6.01 -3.55
C VAL A 149 -11.01 6.98 -2.60
N LEU A 150 -10.75 8.19 -3.09
CA LEU A 150 -10.12 9.23 -2.26
C LEU A 150 -10.97 9.57 -1.03
N ASN A 151 -12.29 9.65 -1.20
CA ASN A 151 -13.21 9.97 -0.09
C ASN A 151 -13.35 8.84 0.92
N ALA A 152 -12.95 7.62 0.55
CA ALA A 152 -12.84 6.52 1.51
C ALA A 152 -11.76 6.77 2.56
N ASP A 153 -10.71 7.52 2.18
CA ASP A 153 -9.58 7.84 3.06
C ASP A 153 -9.94 8.90 4.12
N GLN A 154 -10.52 8.45 5.23
CA GLN A 154 -10.95 9.32 6.32
C GLN A 154 -9.81 10.12 6.97
N GLY A 155 -8.65 9.48 7.12
CA GLY A 155 -7.48 10.11 7.70
C GLY A 155 -7.00 11.31 6.92
N THR A 156 -6.95 11.18 5.59
CA THR A 156 -6.59 12.30 4.71
C THR A 156 -7.63 13.42 4.77
N SER A 157 -8.92 13.07 4.81
CA SER A 157 -9.98 14.09 4.87
C SER A 157 -9.79 15.02 6.06
N ALA A 158 -9.61 14.43 7.24
CA ALA A 158 -9.44 15.19 8.47
C ALA A 158 -8.17 16.07 8.45
N THR A 159 -7.08 15.57 7.86
CA THR A 159 -5.85 16.36 7.73
C THR A 159 -6.06 17.55 6.78
N VAL A 160 -6.61 17.30 5.61
CA VAL A 160 -6.86 18.36 4.62
C VAL A 160 -7.83 19.43 5.18
N GLN A 161 -8.87 19.01 5.89
CA GLN A 161 -9.78 19.94 6.56
C GLN A 161 -9.06 20.80 7.59
N MET A 162 -8.13 20.20 8.32
CA MET A 162 -7.31 20.95 9.28
C MET A 162 -6.33 21.88 8.56
N LEU A 163 -5.72 21.42 7.47
CA LEU A 163 -4.85 22.27 6.63
C LEU A 163 -5.55 23.47 6.02
N LEU A 164 -6.74 23.26 5.49
CA LEU A 164 -7.51 24.31 4.84
C LEU A 164 -8.16 25.28 5.86
N ASN A 165 -8.93 24.73 6.81
CA ASN A 165 -9.66 25.56 7.78
C ASN A 165 -8.75 26.28 8.77
N ASP A 166 -7.71 25.61 9.28
CA ASP A 166 -6.93 26.14 10.41
C ASP A 166 -5.49 26.50 10.08
N THR A 167 -4.71 25.56 9.55
CA THR A 167 -3.27 25.78 9.37
C THR A 167 -2.96 26.91 8.38
N CYS A 168 -3.66 26.96 7.25
CA CYS A 168 -3.42 27.97 6.20
C CYS A 168 -3.64 29.38 6.71
N PRO A 169 -4.87 29.71 7.17
CA PRO A 169 -5.03 31.10 7.64
C PRO A 169 -4.10 31.49 8.80
N LEU A 170 -3.87 30.57 9.72
CA LEU A 170 -3.01 30.83 10.86
C LEU A 170 -1.58 31.17 10.40
N PHE A 171 -1.05 30.33 9.52
CA PHE A 171 0.29 30.49 8.95
C PHE A 171 0.47 31.79 8.18
N VAL A 172 -0.54 32.15 7.40
CA VAL A 172 -0.46 33.32 6.52
C VAL A 172 -0.59 34.63 7.32
N ARG A 173 -1.36 34.62 8.42
CA ARG A 173 -1.32 35.72 9.40
C ARG A 173 0.11 35.92 9.89
N GLY A 174 0.80 34.83 10.20
CA GLY A 174 2.19 34.85 10.60
C GLY A 174 3.13 35.38 9.54
N LEU A 175 2.94 34.95 8.29
CA LEU A 175 3.78 35.42 7.18
C LEU A 175 3.71 36.94 7.01
N LEU A 176 2.49 37.49 6.97
CA LEU A 176 2.25 38.90 6.67
C LEU A 176 2.87 39.80 7.75
N GLU A 177 2.82 39.31 8.98
CA GLU A 177 3.53 39.92 10.11
C GLU A 177 5.04 39.91 9.81
N ALA A 178 5.57 38.72 9.53
CA ALA A 178 7.01 38.52 9.33
C ALA A 178 7.59 39.19 8.07
N GLY A 179 6.79 39.30 7.02
CA GLY A 179 7.25 39.82 5.72
C GLY A 179 6.70 41.18 5.35
N LYS A 180 6.20 41.92 6.35
CA LYS A 180 5.56 43.22 6.12
C LYS A 180 6.43 44.16 5.28
N SER A 181 7.71 44.26 5.61
CA SER A 181 8.59 45.22 4.95
C SER A 181 8.93 44.84 3.51
N ASP A 182 9.13 43.56 3.23
CA ASP A 182 9.26 43.08 1.82
C ASP A 182 7.96 43.26 1.06
N LEU A 183 6.84 42.94 1.71
CA LEU A 183 5.52 43.00 1.07
C LEU A 183 5.07 44.42 0.79
N GLU A 184 5.39 45.35 1.69
CA GLU A 184 5.02 46.76 1.56
C GLU A 184 6.13 47.61 0.93
N LYS A 185 7.14 46.97 0.32
CA LYS A 185 8.24 47.70 -0.30
C LYS A 185 7.75 48.53 -1.47
N GLN A 186 8.52 49.58 -1.78
CA GLN A 186 8.22 50.51 -2.88
C GLN A 186 9.50 50.75 -3.68
N GLU A 187 9.52 50.27 -4.92
CA GLU A 187 10.66 50.45 -5.84
C GLU A 187 10.21 51.33 -7.01
N LYS A 188 11.08 52.23 -7.46
CA LYS A 188 10.67 53.22 -8.47
C LYS A 188 10.82 52.72 -9.90
N PRO A 189 9.83 53.03 -10.76
CA PRO A 189 10.00 52.74 -12.17
C PRO A 189 11.04 53.65 -12.81
N VAL A 190 11.67 53.15 -13.86
CA VAL A 190 12.54 53.95 -14.72
C VAL A 190 11.93 53.78 -16.08
N ALA A 191 11.99 54.82 -16.90
CA ALA A 191 11.38 54.76 -18.24
C ALA A 191 12.31 55.21 -19.35
N TRP A 192 11.94 54.80 -20.55
CA TRP A 192 12.66 55.16 -21.77
C TRP A 192 11.74 55.04 -23.01
N LEU A 193 12.09 55.70 -24.09
CA LEU A 193 11.24 55.75 -25.29
C LEU A 193 11.90 55.09 -26.50
N SER A 194 11.09 54.83 -27.52
CA SER A 194 11.54 54.15 -28.75
C SER A 194 10.42 54.04 -29.78
N SER A 195 10.74 53.56 -30.98
CA SER A 195 9.82 53.52 -32.11
C SER A 195 10.09 52.35 -33.05
N VAL A 196 9.13 52.06 -33.94
CA VAL A 196 9.30 51.09 -35.04
C VAL A 196 8.46 51.52 -36.26
N GLY A 202 2.13 53.28 -44.70
CA GLY A 202 3.22 53.10 -43.75
C GLY A 202 3.04 53.89 -42.46
N HIS A 203 2.71 53.18 -41.38
CA HIS A 203 2.52 53.77 -40.05
C HIS A 203 3.78 53.58 -39.18
N ARG A 204 3.74 54.11 -37.95
CA ARG A 204 4.85 53.98 -36.99
C ARG A 204 4.36 53.90 -35.54
N GLN A 205 4.98 53.02 -34.75
CA GLN A 205 4.51 52.67 -33.40
C GLN A 205 5.51 53.12 -32.32
N LEU A 206 5.10 54.08 -31.50
CA LEU A 206 5.90 54.59 -30.39
C LEU A 206 5.73 53.69 -29.17
N VAL A 207 6.76 53.62 -28.32
CA VAL A 207 6.80 52.68 -27.21
C VAL A 207 7.41 53.33 -25.98
N CYS A 208 6.62 53.40 -24.91
CA CYS A 208 7.08 53.88 -23.61
C CYS A 208 7.33 52.66 -22.71
N HIS A 209 8.59 52.46 -22.33
CA HIS A 209 9.00 51.33 -21.49
C HIS A 209 9.03 51.79 -20.05
N VAL A 210 8.49 50.99 -19.14
CA VAL A 210 8.52 51.31 -17.72
C VAL A 210 8.98 50.05 -17.00
N SER A 211 9.97 50.17 -16.12
CA SER A 211 10.61 48.99 -15.52
C SER A 211 11.29 49.25 -14.18
N GLY A 212 11.18 48.26 -13.29
CA GLY A 212 11.79 48.28 -11.96
C GLY A 212 10.84 48.60 -10.81
N PHE A 213 9.54 48.76 -11.10
CA PHE A 213 8.56 49.24 -10.12
C PHE A 213 7.90 48.13 -9.32
N TYR A 214 7.63 48.41 -8.04
CA TYR A 214 6.86 47.54 -7.16
C TYR A 214 6.11 48.42 -6.17
N PRO A 215 4.81 48.17 -5.90
CA PRO A 215 4.03 47.00 -6.35
C PRO A 215 3.47 47.11 -7.77
N LYS A 216 2.63 46.12 -8.14
CA LYS A 216 2.08 45.97 -9.50
C LYS A 216 1.27 47.16 -10.05
N PRO A 217 0.42 47.82 -9.21
CA PRO A 217 -0.38 48.93 -9.73
C PRO A 217 0.46 50.08 -10.33
N VAL A 218 0.12 50.48 -11.56
CA VAL A 218 0.85 51.53 -12.30
C VAL A 218 -0.04 52.12 -13.39
N TRP A 219 0.19 53.40 -13.71
CA TRP A 219 -0.54 54.13 -14.75
C TRP A 219 0.46 54.63 -15.80
N VAL A 220 0.19 54.37 -17.08
CA VAL A 220 1.08 54.79 -18.16
C VAL A 220 0.24 55.35 -19.31
N MET A 221 0.38 56.65 -19.58
CA MET A 221 -0.30 57.27 -20.74
C MET A 221 0.65 58.05 -21.64
N TRP A 222 0.37 57.99 -22.93
CA TRP A 222 0.92 58.94 -23.91
C TRP A 222 0.06 60.21 -23.89
N MET A 223 0.72 61.34 -24.13
CA MET A 223 0.17 62.67 -23.85
C MET A 223 0.67 63.70 -24.85
N ARG A 224 -0.20 64.64 -25.23
CA ARG A 224 0.23 65.93 -25.78
C ARG A 224 -0.28 66.99 -24.79
N GLY A 225 0.63 67.44 -23.92
CA GLY A 225 0.31 68.41 -22.87
C GLY A 225 -0.58 67.83 -21.78
N ASP A 226 -1.86 68.17 -21.84
CA ASP A 226 -2.91 67.64 -20.95
C ASP A 226 -3.82 66.62 -21.62
N GLN A 227 -3.71 66.48 -22.95
CA GLN A 227 -4.59 65.59 -23.72
C GLN A 227 -4.11 64.14 -23.69
N GLU A 228 -4.68 63.34 -22.80
CA GLU A 228 -4.37 61.90 -22.71
C GLU A 228 -4.80 61.21 -24.01
N GLN A 229 -3.84 60.67 -24.75
CA GLN A 229 -4.13 60.12 -26.09
C GLN A 229 -4.91 58.80 -25.96
N GLN A 230 -6.22 58.88 -25.84
CA GLN A 230 -7.08 57.69 -25.71
C GLN A 230 -7.02 56.86 -26.99
N GLY A 231 -6.04 55.96 -27.00
CA GLY A 231 -5.49 55.32 -28.22
C GLY A 231 -4.28 54.45 -27.86
N THR A 232 -3.46 54.97 -26.93
CA THR A 232 -2.49 54.21 -26.10
C THR A 232 -2.92 52.77 -25.79
N HIS A 233 -2.15 51.78 -26.27
CA HIS A 233 -2.42 50.38 -25.96
C HIS A 233 -1.45 49.92 -24.89
N ARG A 234 -2.01 49.36 -23.82
CA ARG A 234 -1.28 48.91 -22.65
C ARG A 234 -0.89 47.45 -22.83
N GLY A 235 0.38 47.11 -22.56
CA GLY A 235 0.85 45.73 -22.65
C GLY A 235 0.55 44.91 -21.41
N ASP A 236 1.09 43.70 -21.38
CA ASP A 236 1.00 42.85 -20.18
C ASP A 236 2.06 43.23 -19.17
N PHE A 237 1.79 42.90 -17.91
CA PHE A 237 2.78 42.97 -16.85
C PHE A 237 3.76 41.81 -17.00
N LEU A 238 5.00 42.12 -17.40
CA LEU A 238 6.07 41.14 -17.53
C LEU A 238 6.98 41.29 -16.31
N PRO A 239 7.47 40.16 -15.75
CA PRO A 239 8.32 40.24 -14.55
C PRO A 239 9.79 40.40 -14.85
N ASN A 240 10.50 41.08 -13.94
CA ASN A 240 11.96 41.04 -13.90
C ASN A 240 12.40 39.98 -12.88
N ALA A 241 13.68 39.63 -12.91
CA ALA A 241 14.24 38.61 -12.03
C ALA A 241 14.35 39.04 -10.55
N ASP A 242 14.40 40.35 -10.30
CA ASP A 242 14.57 40.91 -8.94
C ASP A 242 13.24 41.25 -8.23
N GLU A 243 12.14 40.61 -8.63
CA GLU A 243 10.82 40.82 -8.02
C GLU A 243 10.32 42.26 -8.14
N THR A 244 10.56 42.83 -9.32
CA THR A 244 9.99 44.10 -9.73
C THR A 244 9.25 43.79 -11.01
N TRP A 245 8.54 44.76 -11.55
CA TRP A 245 7.71 44.56 -12.74
C TRP A 245 8.19 45.39 -13.93
N TYR A 246 7.79 44.93 -15.11
CA TYR A 246 8.02 45.65 -16.36
C TYR A 246 6.67 45.78 -17.09
N LEU A 247 6.42 46.95 -17.66
CA LEU A 247 5.25 47.19 -18.52
C LEU A 247 5.62 48.17 -19.63
N GLN A 248 4.99 47.99 -20.80
CA GLN A 248 5.13 48.96 -21.89
C GLN A 248 3.78 49.35 -22.48
N ALA A 249 3.67 50.63 -22.86
CA ALA A 249 2.50 51.17 -23.54
C ALA A 249 2.88 51.66 -24.94
N THR A 250 2.16 51.17 -25.96
CA THR A 250 2.39 51.58 -27.36
C THR A 250 1.34 52.56 -27.84
N LEU A 251 1.74 53.47 -28.73
CA LEU A 251 0.81 54.40 -29.40
C LEU A 251 1.11 54.45 -30.90
N ASP A 252 0.08 54.29 -31.72
CA ASP A 252 0.23 54.27 -33.17
C ASP A 252 -0.04 55.66 -33.76
N VAL A 253 0.94 56.20 -34.51
CA VAL A 253 0.89 57.59 -35.03
C VAL A 253 1.40 57.75 -36.47
N GLU A 254 1.05 58.89 -37.08
CA GLU A 254 1.53 59.25 -38.41
C GLU A 254 2.99 59.71 -38.31
N ALA A 255 3.79 59.40 -39.34
CA ALA A 255 5.19 59.81 -39.37
C ALA A 255 5.30 61.33 -39.48
N GLY A 256 6.20 61.92 -38.71
CA GLY A 256 6.31 63.38 -38.57
C GLY A 256 5.28 63.98 -37.61
N GLU A 257 4.61 63.15 -36.83
CA GLU A 257 3.56 63.59 -35.88
C GLU A 257 3.94 63.29 -34.42
N GLU A 258 5.23 63.07 -34.18
CA GLU A 258 5.76 62.73 -32.87
C GLU A 258 6.17 63.96 -32.06
N ALA A 259 5.92 65.17 -32.59
CA ALA A 259 6.37 66.40 -31.95
C ALA A 259 5.51 66.70 -30.72
N GLY A 260 6.19 67.01 -29.60
CA GLY A 260 5.53 67.31 -28.32
C GLY A 260 4.71 66.17 -27.71
N LEU A 261 5.08 64.93 -28.03
CA LEU A 261 4.47 63.77 -27.38
C LEU A 261 5.32 63.37 -26.19
N ALA A 262 4.63 63.02 -25.11
CA ALA A 262 5.27 62.63 -23.85
C ALA A 262 4.66 61.34 -23.34
N CYS A 263 5.38 60.70 -22.43
CA CYS A 263 4.87 59.56 -21.68
C CYS A 263 4.86 59.92 -20.20
N ARG A 264 3.66 60.02 -19.63
CA ARG A 264 3.50 60.23 -18.21
C ARG A 264 3.25 58.89 -17.51
N VAL A 265 3.99 58.64 -16.43
CA VAL A 265 3.70 57.47 -15.57
C VAL A 265 3.57 57.86 -14.10
N LYS A 266 2.49 57.38 -13.49
CA LYS A 266 2.21 57.53 -12.06
C LYS A 266 2.47 56.20 -11.37
N HIS A 267 3.01 56.27 -10.16
CA HIS A 267 3.25 55.09 -9.35
C HIS A 267 3.48 55.47 -7.88
N SER A 268 2.99 54.63 -6.98
CA SER A 268 2.98 54.92 -5.54
C SER A 268 4.35 55.27 -4.95
N SER A 269 5.42 54.72 -5.52
CA SER A 269 6.78 54.99 -5.04
C SER A 269 7.32 56.37 -5.39
N LEU A 270 6.76 56.99 -6.43
CA LEU A 270 7.19 58.31 -6.88
C LEU A 270 6.77 59.46 -5.95
N GLY A 271 5.78 59.24 -5.09
CA GLY A 271 5.32 60.24 -4.14
C GLY A 271 4.87 61.51 -4.85
N GLY A 272 3.87 61.36 -5.71
CA GLY A 272 3.28 62.48 -6.45
C GLY A 272 4.12 63.15 -7.55
N GLN A 273 5.35 62.69 -7.74
CA GLN A 273 6.33 63.35 -8.60
C GLN A 273 6.49 62.47 -9.85
N ASP A 274 5.50 62.57 -10.75
CA ASP A 274 5.37 61.69 -11.92
C ASP A 274 6.57 61.77 -12.85
N ILE A 275 6.86 60.67 -13.56
CA ILE A 275 7.91 60.70 -14.58
C ILE A 275 7.24 61.12 -15.88
N ILE A 276 7.77 62.19 -16.46
CA ILE A 276 7.34 62.69 -17.77
C ILE A 276 8.58 62.64 -18.67
N LEU A 277 8.51 61.87 -19.76
CA LEU A 277 9.56 61.85 -20.78
C LEU A 277 9.01 62.45 -22.07
N TYR A 278 9.79 63.35 -22.68
CA TYR A 278 9.39 64.03 -23.90
C TYR A 278 10.19 63.51 -25.11
N TRP A 279 9.48 63.24 -26.21
CA TRP A 279 10.09 62.85 -27.48
C TRP A 279 10.54 64.10 -28.23
N GLN B 2 -2.59 20.88 -26.36
CA GLN B 2 -1.23 21.48 -26.55
C GLN B 2 -1.37 22.90 -27.13
N LYS B 3 -0.73 23.88 -26.49
CA LYS B 3 -0.81 25.29 -26.93
C LYS B 3 0.57 25.91 -27.16
N THR B 4 0.65 26.77 -28.18
CA THR B 4 1.91 27.40 -28.61
C THR B 4 2.46 28.45 -27.59
N PRO B 5 3.78 28.42 -27.28
CA PRO B 5 4.31 29.34 -26.26
C PRO B 5 4.54 30.76 -26.77
N GLN B 6 4.11 31.77 -26.01
CA GLN B 6 4.44 33.18 -26.31
C GLN B 6 5.76 33.54 -25.64
N ILE B 7 6.65 34.18 -26.40
CA ILE B 7 7.99 34.56 -25.93
C ILE B 7 8.13 36.07 -26.02
N GLN B 8 8.72 36.69 -24.99
CA GLN B 8 8.91 38.14 -24.96
C GLN B 8 10.28 38.49 -24.41
N VAL B 9 11.11 39.16 -25.22
CA VAL B 9 12.47 39.53 -24.82
C VAL B 9 12.51 41.02 -24.46
N TYR B 10 13.11 41.35 -23.33
CA TYR B 10 13.15 42.73 -22.85
C TYR B 10 14.25 42.95 -21.82
N SER B 11 14.83 44.16 -21.81
CA SER B 11 15.92 44.52 -20.91
C SER B 11 15.41 45.06 -19.57
N ARG B 12 16.17 44.82 -18.51
CA ARG B 12 15.82 45.27 -17.15
C ARG B 12 15.93 46.78 -17.03
N HIS B 13 17.08 47.30 -17.43
CA HIS B 13 17.37 48.72 -17.39
C HIS B 13 17.32 49.27 -18.82
N PRO B 14 17.19 50.60 -18.99
CA PRO B 14 17.24 51.15 -20.35
C PRO B 14 18.56 50.83 -21.08
N PRO B 15 18.48 50.36 -22.35
CA PRO B 15 19.65 49.85 -23.05
C PRO B 15 20.60 50.94 -23.60
N GLU B 16 21.77 51.07 -22.99
CA GLU B 16 22.85 51.90 -23.49
C GLU B 16 23.97 50.99 -23.99
N ASN B 17 24.45 51.23 -25.21
CA ASN B 17 25.58 50.48 -25.76
C ASN B 17 26.83 50.63 -24.89
N GLY B 18 27.55 49.53 -24.68
CA GLY B 18 28.70 49.51 -23.79
C GLY B 18 28.36 49.20 -22.34
N LYS B 19 27.20 49.64 -21.86
CA LYS B 19 26.81 49.49 -20.45
C LYS B 19 26.30 48.07 -20.16
N PRO B 20 26.85 47.41 -19.13
CA PRO B 20 26.25 46.17 -18.60
C PRO B 20 24.77 46.31 -18.22
N ASN B 21 24.03 45.23 -18.41
CA ASN B 21 22.57 45.22 -18.25
C ASN B 21 22.15 43.75 -18.07
N ILE B 22 20.86 43.49 -17.89
CA ILE B 22 20.32 42.14 -17.82
C ILE B 22 19.22 42.01 -18.88
N LEU B 23 19.23 40.89 -19.60
CA LEU B 23 18.25 40.60 -20.65
C LEU B 23 17.33 39.48 -20.15
N ASN B 24 16.02 39.72 -20.19
CA ASN B 24 15.01 38.77 -19.74
C ASN B 24 14.35 38.14 -20.94
N CYS B 25 13.94 36.88 -20.77
CA CYS B 25 13.08 36.18 -21.72
C CYS B 25 11.93 35.52 -20.94
N TYR B 26 10.73 36.03 -21.16
CA TYR B 26 9.54 35.53 -20.51
C TYR B 26 8.79 34.61 -21.46
N VAL B 27 8.72 33.33 -21.09
CA VAL B 27 8.01 32.31 -21.87
C VAL B 27 6.73 31.93 -21.14
N THR B 28 5.59 32.02 -21.83
CA THR B 28 4.27 31.87 -21.20
C THR B 28 3.27 31.11 -22.07
N GLN B 29 2.18 30.69 -21.42
CA GLN B 29 1.00 30.08 -22.06
C GLN B 29 1.30 28.81 -22.87
N PHE B 30 1.93 27.84 -22.21
CA PHE B 30 2.27 26.58 -22.86
C PHE B 30 1.93 25.39 -21.97
N HIS B 31 1.62 24.27 -22.60
CA HIS B 31 1.57 22.98 -21.92
C HIS B 31 1.73 21.85 -22.95
N PRO B 32 2.36 20.72 -22.60
CA PRO B 32 2.88 20.41 -21.25
C PRO B 32 4.13 21.22 -20.83
N PRO B 33 4.55 21.11 -19.54
CA PRO B 33 5.65 21.96 -19.05
C PRO B 33 7.07 21.62 -19.53
N HIS B 34 7.29 20.43 -20.11
CA HIS B 34 8.63 20.08 -20.59
C HIS B 34 9.05 20.98 -21.75
N ILE B 35 10.03 21.85 -21.50
CA ILE B 35 10.46 22.87 -22.46
C ILE B 35 11.98 23.09 -22.41
N GLU B 36 12.54 23.48 -23.56
CA GLU B 36 13.96 23.78 -23.67
C GLU B 36 14.08 25.26 -24.05
N ILE B 37 14.69 26.06 -23.17
CA ILE B 37 14.86 27.52 -23.38
C ILE B 37 16.35 27.88 -23.40
N GLN B 38 16.77 28.52 -24.47
CA GLN B 38 18.14 29.01 -24.62
C GLN B 38 18.07 30.50 -24.85
N MET B 39 19.08 31.21 -24.35
CA MET B 39 19.27 32.62 -24.69
C MET B 39 20.52 32.68 -25.56
N LEU B 40 20.40 33.33 -26.71
CA LEU B 40 21.44 33.34 -27.74
C LEU B 40 22.08 34.71 -27.90
N LYS B 41 23.36 34.71 -28.25
CA LYS B 41 24.09 35.91 -28.64
C LYS B 41 24.70 35.59 -29.99
N ASN B 42 24.30 36.33 -31.01
CA ASN B 42 24.77 36.11 -32.40
C ASN B 42 24.58 34.66 -32.86
N GLY B 43 23.53 34.00 -32.36
CA GLY B 43 23.28 32.59 -32.62
C GLY B 43 23.99 31.60 -31.70
N LYS B 44 25.04 32.01 -31.00
CA LYS B 44 25.75 31.10 -30.08
C LYS B 44 25.06 31.09 -28.73
N LYS B 45 25.03 29.92 -28.09
CA LYS B 45 24.35 29.73 -26.82
C LYS B 45 25.11 30.45 -25.71
N ILE B 46 24.39 31.29 -24.96
CA ILE B 46 24.98 32.05 -23.85
C ILE B 46 25.09 31.09 -22.67
N PRO B 47 26.29 31.00 -22.04
CA PRO B 47 26.47 30.14 -20.86
C PRO B 47 26.01 30.81 -19.57
N LYS B 48 25.73 29.99 -18.55
CA LYS B 48 25.27 30.45 -17.21
C LYS B 48 24.03 31.36 -17.23
N VAL B 49 23.01 30.91 -17.95
CA VAL B 49 21.71 31.57 -17.99
C VAL B 49 20.93 31.16 -16.73
N GLU B 50 20.50 32.15 -15.95
CA GLU B 50 19.68 31.91 -14.75
C GLU B 50 18.22 31.65 -15.14
N MET B 51 17.58 30.72 -14.42
CA MET B 51 16.18 30.37 -14.68
C MET B 51 15.39 30.49 -13.38
N SER B 52 14.17 31.02 -13.49
CA SER B 52 13.26 31.06 -12.37
C SER B 52 12.64 29.68 -12.25
N ASP B 53 12.03 29.42 -11.10
CA ASP B 53 11.26 28.19 -10.94
C ASP B 53 10.05 28.28 -11.84
N MET B 54 9.67 27.17 -12.45
CA MET B 54 8.46 27.16 -13.23
C MET B 54 7.23 27.28 -12.32
N SER B 55 6.20 27.91 -12.87
CA SER B 55 4.96 28.18 -12.16
C SER B 55 3.83 28.18 -13.21
N PHE B 56 2.59 28.45 -12.79
CA PHE B 56 1.47 28.62 -13.73
C PHE B 56 0.48 29.70 -13.30
N SER B 57 -0.41 30.07 -14.23
CA SER B 57 -1.42 31.13 -14.04
C SER B 57 -2.77 30.55 -13.61
N LYS B 58 -3.79 31.39 -13.48
CA LYS B 58 -5.14 30.92 -13.14
C LYS B 58 -5.74 29.96 -14.16
N ASP B 59 -5.45 30.17 -15.44
CA ASP B 59 -5.85 29.24 -16.53
C ASP B 59 -4.99 27.96 -16.65
N TRP B 60 -4.15 27.68 -15.65
CA TRP B 60 -3.30 26.48 -15.57
C TRP B 60 -2.18 26.40 -16.60
N SER B 61 -1.99 27.45 -17.41
CA SER B 61 -0.94 27.45 -18.42
C SER B 61 0.35 27.83 -17.71
N PHE B 62 1.46 27.27 -18.18
CA PHE B 62 2.75 27.43 -17.51
C PHE B 62 3.49 28.69 -17.96
N TYR B 63 4.43 29.11 -17.13
CA TYR B 63 5.33 30.21 -17.48
C TYR B 63 6.66 30.11 -16.73
N ILE B 64 7.68 30.77 -17.28
CA ILE B 64 9.01 30.73 -16.69
C ILE B 64 9.87 31.89 -17.23
N LEU B 65 10.74 32.41 -16.38
CA LEU B 65 11.56 33.59 -16.68
C LEU B 65 13.03 33.23 -16.76
N ALA B 66 13.58 33.30 -17.97
CA ALA B 66 15.02 33.19 -18.17
C ALA B 66 15.63 34.58 -18.16
N HIS B 67 16.84 34.70 -17.61
CA HIS B 67 17.59 35.94 -17.69
C HIS B 67 19.10 35.75 -17.59
N THR B 68 19.82 36.73 -18.10
CA THR B 68 21.27 36.66 -18.22
C THR B 68 21.86 38.07 -18.32
N GLU B 69 23.09 38.23 -17.84
CA GLU B 69 23.83 39.49 -18.02
C GLU B 69 24.19 39.68 -19.49
N PHE B 70 24.09 40.91 -19.97
CA PHE B 70 24.48 41.25 -21.33
C PHE B 70 24.85 42.72 -21.38
N THR B 71 25.79 43.07 -22.25
CA THR B 71 26.11 44.46 -22.52
C THR B 71 25.78 44.67 -24.01
N PRO B 72 24.70 45.40 -24.32
CA PRO B 72 24.35 45.56 -25.73
C PRO B 72 25.38 46.37 -26.53
N THR B 73 25.41 46.16 -27.84
CA THR B 73 26.34 46.87 -28.75
C THR B 73 25.67 47.18 -30.08
N GLU B 74 26.27 48.11 -30.81
CA GLU B 74 25.93 48.37 -32.21
C GLU B 74 25.62 47.06 -32.94
N THR B 75 26.59 46.15 -32.91
CA THR B 75 26.65 45.00 -33.82
C THR B 75 25.97 43.70 -33.34
N ASP B 76 26.01 43.42 -32.03
CA ASP B 76 25.56 42.12 -31.47
C ASP B 76 24.04 41.91 -31.43
N THR B 77 23.56 40.77 -31.97
CA THR B 77 22.15 40.36 -31.87
C THR B 77 21.93 39.37 -30.74
N TYR B 78 20.84 39.57 -29.99
CA TYR B 78 20.46 38.68 -28.91
C TYR B 78 19.07 38.06 -29.15
N ALA B 79 18.90 36.80 -28.76
CA ALA B 79 17.64 36.08 -28.99
C ALA B 79 17.28 35.12 -27.87
N CYS B 80 16.04 34.64 -27.93
CA CYS B 80 15.55 33.59 -27.04
C CYS B 80 14.97 32.47 -27.90
N ARG B 81 15.54 31.26 -27.77
CA ARG B 81 15.20 30.11 -28.63
C ARG B 81 14.49 29.02 -27.83
N VAL B 82 13.30 28.61 -28.30
CA VAL B 82 12.36 27.79 -27.54
C VAL B 82 11.88 26.54 -28.30
N LYS B 83 12.24 25.36 -27.81
CA LYS B 83 11.74 24.08 -28.35
C LYS B 83 10.61 23.56 -27.46
N HIS B 84 9.55 23.05 -28.07
CA HIS B 84 8.39 22.55 -27.34
C HIS B 84 7.54 21.67 -28.24
N ALA B 85 6.98 20.60 -27.68
CA ALA B 85 6.21 19.62 -28.45
C ALA B 85 5.18 20.24 -29.41
N SER B 86 4.51 21.30 -28.95
CA SER B 86 3.51 22.04 -29.73
C SER B 86 4.00 22.58 -31.09
N MET B 87 5.31 22.79 -31.23
CA MET B 87 5.89 23.32 -32.47
C MET B 87 6.73 22.26 -33.17
N ALA B 88 6.59 22.19 -34.50
CA ALA B 88 7.43 21.33 -35.33
C ALA B 88 8.88 21.78 -35.23
N GLU B 89 9.09 23.06 -35.54
CA GLU B 89 10.41 23.69 -35.47
C GLU B 89 10.60 24.47 -34.17
N PRO B 90 11.86 24.68 -33.76
CA PRO B 90 12.22 25.68 -32.74
C PRO B 90 11.85 27.10 -33.16
N LYS B 91 11.50 27.94 -32.18
CA LYS B 91 11.07 29.31 -32.42
C LYS B 91 12.07 30.26 -31.77
N THR B 92 12.60 31.16 -32.57
CA THR B 92 13.53 32.20 -32.12
C THR B 92 12.84 33.56 -32.21
N VAL B 93 12.84 34.34 -31.12
CA VAL B 93 12.42 35.75 -31.17
C VAL B 93 13.63 36.62 -30.81
N TYR B 94 13.82 37.69 -31.57
CA TYR B 94 14.99 38.54 -31.42
C TYR B 94 14.69 39.71 -30.50
N TRP B 95 15.72 40.20 -29.83
CA TRP B 95 15.61 41.39 -29.01
C TRP B 95 15.42 42.62 -29.91
N ASP B 96 14.39 43.42 -29.58
CA ASP B 96 13.92 44.52 -30.44
C ASP B 96 14.81 45.76 -30.38
N ARG B 97 15.77 45.78 -29.43
CA ARG B 97 16.76 46.87 -29.23
C ARG B 97 16.18 48.16 -28.64
N ASP B 98 14.88 48.19 -28.40
CA ASP B 98 14.16 49.40 -28.08
C ASP B 98 13.96 49.53 -26.57
N THR C 3 11.68 -6.37 4.86
CA THR C 3 11.18 -6.56 6.25
C THR C 3 10.96 -5.21 6.97
N GLN C 4 9.83 -4.59 6.65
CA GLN C 4 9.39 -3.35 7.28
C GLN C 4 8.49 -3.57 8.50
N VAL C 5 8.17 -4.82 8.81
CA VAL C 5 7.33 -5.18 9.96
C VAL C 5 7.96 -6.34 10.70
N GLU C 6 8.36 -6.10 11.95
CA GLU C 6 9.07 -7.09 12.77
C GLU C 6 8.26 -7.42 14.03
N GLN C 7 8.17 -8.71 14.33
CA GLN C 7 7.46 -9.18 15.50
C GLN C 7 8.38 -9.87 16.48
N SER C 8 8.04 -9.73 17.76
CA SER C 8 8.76 -10.34 18.86
C SER C 8 7.70 -10.83 19.87
N PRO C 9 7.89 -11.98 20.54
CA PRO C 9 8.97 -12.92 20.25
C PRO C 9 8.70 -13.65 18.95
N GLN C 10 9.69 -14.39 18.46
CA GLN C 10 9.51 -15.22 17.28
C GLN C 10 8.58 -16.36 17.64
N SER C 11 8.78 -16.93 18.83
CA SER C 11 7.87 -17.94 19.38
C SER C 11 7.92 -17.92 20.90
N LEU C 12 6.89 -18.45 21.54
CA LEU C 12 6.85 -18.51 22.99
C LEU C 12 5.91 -19.62 23.47
N VAL C 13 6.21 -20.17 24.65
CA VAL C 13 5.40 -21.22 25.27
C VAL C 13 4.91 -20.70 26.62
N VAL C 14 3.61 -20.85 26.89
CA VAL C 14 3.00 -20.42 28.16
C VAL C 14 2.05 -21.49 28.68
N ARG C 15 1.86 -21.52 29.99
CA ARG C 15 0.90 -22.45 30.60
C ARG C 15 -0.49 -21.84 30.58
N GLN C 16 -1.51 -22.69 30.48
CA GLN C 16 -2.90 -22.24 30.45
C GLN C 16 -3.21 -21.32 31.62
N GLY C 17 -3.93 -20.24 31.34
CA GLY C 17 -4.31 -19.29 32.38
C GLY C 17 -3.37 -18.12 32.54
N GLU C 18 -2.15 -18.24 32.00
CA GLU C 18 -1.16 -17.16 32.09
C GLU C 18 -1.48 -16.14 31.01
N ASN C 19 -1.05 -14.90 31.24
CA ASN C 19 -1.14 -13.86 30.22
C ASN C 19 0.11 -13.84 29.35
N CYS C 20 0.00 -13.19 28.21
CA CYS C 20 1.16 -12.93 27.38
C CYS C 20 0.95 -11.68 26.55
N VAL C 21 2.08 -11.15 26.08
CA VAL C 21 2.16 -9.88 25.37
C VAL C 21 2.96 -10.13 24.09
N LEU C 22 2.50 -9.58 22.97
CA LEU C 22 3.12 -9.79 21.68
C LEU C 22 3.49 -8.44 21.05
N GLN C 23 4.77 -8.20 20.74
CA GLN C 23 5.21 -6.92 20.14
C GLN C 23 5.05 -6.97 18.63
N CYS C 24 4.81 -5.79 18.06
CA CYS C 24 5.01 -5.57 16.65
C CYS C 24 5.58 -4.17 16.45
N ASN C 25 6.76 -4.10 15.83
CA ASN C 25 7.41 -2.83 15.51
C ASN C 25 7.50 -2.74 14.01
N TYR C 26 7.42 -1.53 13.48
CA TYR C 26 7.44 -1.33 12.04
C TYR C 26 8.10 -0.02 11.64
N SER C 27 8.56 0.04 10.40
CA SER C 27 9.07 1.26 9.77
C SER C 27 8.24 1.69 8.53
N VAL C 28 7.04 1.12 8.35
CA VAL C 28 6.18 1.44 7.20
C VAL C 28 5.73 2.90 7.26
N THR C 29 5.76 3.59 6.11
CA THR C 29 5.35 5.00 6.00
C THR C 29 4.46 5.27 4.78
N PRO C 30 3.27 5.83 4.97
CA PRO C 30 2.66 6.12 6.26
C PRO C 30 2.00 4.89 6.87
N ASP C 31 1.48 5.08 8.08
CA ASP C 31 0.82 4.03 8.87
C ASP C 31 -0.63 4.45 9.15
N ASN C 32 -1.54 4.08 8.26
CA ASN C 32 -2.97 4.38 8.42
C ASN C 32 -3.59 3.56 9.53
N HIS C 33 -3.37 2.24 9.47
CA HIS C 33 -3.93 1.31 10.43
C HIS C 33 -3.08 0.07 10.61
N LEU C 34 -3.21 -0.55 11.79
CA LEU C 34 -2.52 -1.79 12.12
C LEU C 34 -3.55 -2.85 12.56
N ARG C 35 -3.45 -4.05 11.99
CA ARG C 35 -4.39 -5.13 12.24
C ARG C 35 -3.66 -6.34 12.79
N TRP C 36 -4.26 -7.00 13.78
CA TRP C 36 -3.75 -8.27 14.32
C TRP C 36 -4.59 -9.48 13.86
N PHE C 37 -3.96 -10.45 13.21
CA PHE C 37 -4.61 -11.68 12.76
C PHE C 37 -4.23 -12.84 13.70
N LYS C 38 -5.16 -13.78 13.86
CA LYS C 38 -4.90 -15.08 14.48
C LYS C 38 -4.97 -16.11 13.38
N GLN C 39 -3.95 -16.99 13.27
CA GLN C 39 -3.95 -18.09 12.29
C GLN C 39 -3.70 -19.46 12.95
N ASP C 40 -4.72 -20.31 12.97
CA ASP C 40 -4.58 -21.70 13.43
C ASP C 40 -3.74 -22.47 12.43
N THR C 41 -2.96 -23.43 12.93
CA THR C 41 -2.12 -24.28 12.10
C THR C 41 -3.06 -25.00 11.13
N GLY C 42 -2.81 -24.80 9.83
CA GLY C 42 -3.65 -25.33 8.77
C GLY C 42 -4.73 -24.36 8.28
N LYS C 43 -5.45 -23.72 9.20
CA LYS C 43 -6.50 -22.77 8.84
C LYS C 43 -5.94 -21.45 8.21
N GLY C 44 -6.79 -20.42 8.15
CA GLY C 44 -6.41 -19.12 7.61
C GLY C 44 -6.68 -17.98 8.58
N LEU C 45 -6.84 -16.77 8.03
CA LEU C 45 -6.65 -15.53 8.76
C LEU C 45 -7.91 -14.98 9.42
N VAL C 46 -7.99 -15.06 10.75
CA VAL C 46 -9.08 -14.48 11.55
C VAL C 46 -8.65 -13.14 12.16
N SER C 47 -9.37 -12.06 11.86
CA SER C 47 -9.05 -10.73 12.40
C SER C 47 -9.47 -10.63 13.87
N LEU C 48 -8.54 -10.15 14.70
CA LEU C 48 -8.79 -9.93 16.13
C LEU C 48 -9.15 -8.48 16.44
N THR C 49 -8.40 -7.55 15.86
CA THR C 49 -8.64 -6.12 16.08
C THR C 49 -7.87 -5.29 15.06
N VAL C 50 -8.29 -4.04 14.91
CA VAL C 50 -7.62 -3.10 14.01
C VAL C 50 -7.54 -1.76 14.73
N LEU C 51 -6.32 -1.25 14.85
CA LEU C 51 -6.05 0.00 15.53
C LEU C 51 -5.84 1.05 14.46
N VAL C 52 -6.43 2.24 14.65
CA VAL C 52 -6.42 3.33 13.64
C VAL C 52 -5.88 4.70 14.10
N ASP C 53 -6.04 5.02 15.39
CA ASP C 53 -5.59 6.31 15.93
C ASP C 53 -4.09 6.40 16.25
N GLN C 54 -3.63 7.65 16.40
CA GLN C 54 -2.24 7.97 16.69
C GLN C 54 -1.73 7.25 17.94
N LYS C 55 -2.52 7.35 19.01
CA LYS C 55 -2.41 6.50 20.19
C LYS C 55 -3.76 5.86 20.33
N ASP C 56 -3.83 4.54 20.21
CA ASP C 56 -5.10 3.83 20.14
C ASP C 56 -5.06 2.65 21.09
N LYS C 57 -6.24 2.26 21.58
CA LYS C 57 -6.41 1.09 22.42
C LYS C 57 -7.65 0.33 21.95
N THR C 58 -7.55 -0.98 21.82
CA THR C 58 -8.71 -1.81 21.48
C THR C 58 -8.81 -3.03 22.41
N SER C 59 -9.99 -3.61 22.44
CA SER C 59 -10.25 -4.87 23.15
C SER C 59 -11.19 -5.77 22.35
N ASN C 60 -11.13 -7.05 22.66
CA ASN C 60 -12.00 -8.03 22.05
C ASN C 60 -11.96 -9.24 22.96
N GLY C 61 -12.82 -9.23 23.98
CA GLY C 61 -12.85 -10.26 25.00
C GLY C 61 -11.55 -10.33 25.77
N ARG C 62 -10.84 -11.44 25.64
CA ARG C 62 -9.56 -11.64 26.32
C ARG C 62 -8.37 -11.01 25.59
N TYR C 63 -8.58 -10.61 24.32
CA TYR C 63 -7.57 -9.87 23.55
C TYR C 63 -7.73 -8.38 23.81
N SER C 64 -6.65 -7.70 24.17
CA SER C 64 -6.59 -6.23 24.12
C SER C 64 -5.32 -5.81 23.38
N ALA C 65 -5.27 -4.56 22.94
CA ALA C 65 -4.14 -4.10 22.11
C ALA C 65 -3.96 -2.60 22.10
N THR C 66 -2.71 -2.19 21.88
CA THR C 66 -2.35 -0.78 21.76
C THR C 66 -1.59 -0.49 20.47
N LEU C 67 -1.60 0.77 20.08
CA LEU C 67 -0.84 1.25 18.94
C LEU C 67 -0.36 2.64 19.29
N ASP C 68 0.96 2.86 19.22
CA ASP C 68 1.53 4.20 19.27
C ASP C 68 2.24 4.49 17.95
N LYS C 69 1.68 5.39 17.15
CA LYS C 69 2.22 5.69 15.81
C LYS C 69 3.52 6.51 15.79
N ASP C 70 3.86 7.20 16.88
CA ASP C 70 5.14 7.93 16.93
C ASP C 70 6.32 6.97 17.08
N ALA C 71 6.19 6.02 18.01
CA ALA C 71 7.18 4.95 18.17
C ALA C 71 7.11 3.89 17.07
N LYS C 72 6.00 3.86 16.34
CA LYS C 72 5.72 2.89 15.29
C LYS C 72 5.71 1.51 15.92
N HIS C 73 4.93 1.36 16.98
CA HIS C 73 4.97 0.18 17.82
C HIS C 73 3.56 -0.21 18.29
N SER C 74 3.25 -1.51 18.27
CA SER C 74 1.95 -2.04 18.75
C SER C 74 2.15 -3.31 19.58
N THR C 75 1.35 -3.48 20.63
CA THR C 75 1.32 -4.74 21.38
C THR C 75 -0.07 -5.39 21.35
N LEU C 76 -0.08 -6.71 21.50
CA LEU C 76 -1.29 -7.51 21.63
C LEU C 76 -1.22 -8.28 22.95
N HIS C 77 -2.13 -7.96 23.88
CA HIS C 77 -2.22 -8.67 25.16
C HIS C 77 -3.30 -9.75 25.08
N ILE C 78 -2.95 -10.98 25.44
CA ILE C 78 -3.93 -12.06 25.65
C ILE C 78 -4.03 -12.33 27.15
N THR C 79 -5.20 -12.11 27.75
CA THR C 79 -5.44 -12.45 29.15
C THR C 79 -5.91 -13.89 29.27
N ALA C 80 -5.42 -14.59 30.31
CA ALA C 80 -5.93 -15.91 30.70
C ALA C 80 -6.00 -16.87 29.51
N THR C 81 -4.84 -17.28 29.03
CA THR C 81 -4.73 -18.09 27.82
C THR C 81 -5.52 -19.39 27.94
N LEU C 82 -6.22 -19.73 26.86
CA LEU C 82 -6.79 -21.06 26.69
C LEU C 82 -6.00 -21.83 25.63
N LEU C 83 -6.24 -23.13 25.59
CA LEU C 83 -5.60 -24.03 24.65
C LEU C 83 -5.79 -23.61 23.17
N ASP C 84 -7.01 -23.17 22.81
CA ASP C 84 -7.33 -22.65 21.45
C ASP C 84 -6.49 -21.48 20.95
N ASP C 85 -5.82 -20.76 21.85
CA ASP C 85 -4.90 -19.68 21.46
C ASP C 85 -3.63 -20.15 20.76
N THR C 86 -3.28 -21.42 20.91
CA THR C 86 -2.16 -22.00 20.18
C THR C 86 -2.33 -21.72 18.67
N ALA C 87 -1.49 -20.84 18.16
CA ALA C 87 -1.66 -20.25 16.83
C ALA C 87 -0.48 -19.34 16.54
N THR C 88 -0.36 -18.94 15.28
CA THR C 88 0.57 -17.91 14.85
C THR C 88 -0.20 -16.59 14.83
N TYR C 89 0.40 -15.55 15.38
CA TYR C 89 -0.24 -14.23 15.45
C TYR C 89 0.51 -13.23 14.57
N ILE C 90 -0.25 -12.54 13.71
CA ILE C 90 0.32 -11.83 12.57
C ILE C 90 -0.05 -10.35 12.60
N CYS C 91 0.98 -9.53 12.43
CA CYS C 91 0.88 -8.09 12.47
C CYS C 91 0.81 -7.58 11.03
N VAL C 92 -0.12 -6.67 10.76
CA VAL C 92 -0.28 -6.13 9.41
C VAL C 92 -0.47 -4.61 9.48
N VAL C 93 0.32 -3.86 8.69
CA VAL C 93 0.19 -2.40 8.60
C VAL C 93 -0.30 -2.02 7.20
N GLY C 94 -1.45 -1.34 7.14
CA GLY C 94 -1.95 -0.78 5.88
C GLY C 94 -1.46 0.65 5.75
N ASP C 95 -0.91 1.00 4.59
CA ASP C 95 -0.31 2.34 4.40
C ASP C 95 -1.24 3.39 3.77
N ARG C 96 -2.52 3.06 3.62
CA ARG C 96 -3.57 4.00 3.23
C ARG C 96 -4.89 3.67 3.92
N GLY C 97 -5.76 4.68 4.02
CA GLY C 97 -7.14 4.48 4.45
C GLY C 97 -8.12 4.22 3.31
N SER C 98 -7.65 3.54 2.27
CA SER C 98 -8.45 3.19 1.09
C SER C 98 -7.83 1.98 0.37
N ALA C 99 -8.46 1.56 -0.74
CA ALA C 99 -7.97 0.44 -1.55
C ALA C 99 -6.66 0.71 -2.25
N LEU C 100 -6.23 1.97 -2.30
CA LEU C 100 -4.91 2.31 -2.85
C LEU C 100 -3.72 1.83 -1.99
N GLY C 101 -4.02 1.35 -0.77
CA GLY C 101 -3.01 0.88 0.15
C GLY C 101 -2.46 -0.51 -0.14
N ARG C 102 -1.19 -0.68 0.22
CA ARG C 102 -0.56 -1.98 0.31
C ARG C 102 -0.56 -2.37 1.78
N LEU C 103 -0.75 -3.66 2.05
CA LEU C 103 -0.61 -4.22 3.40
C LEU C 103 0.75 -4.85 3.53
N HIS C 104 1.45 -4.52 4.62
CA HIS C 104 2.80 -5.00 4.89
C HIS C 104 2.75 -5.99 6.04
N PHE C 105 3.04 -7.26 5.76
CA PHE C 105 2.77 -8.36 6.72
C PHE C 105 3.99 -8.71 7.57
N GLY C 106 3.78 -8.89 8.87
CA GLY C 106 4.82 -9.45 9.73
C GLY C 106 4.92 -10.95 9.51
N ALA C 107 6.05 -11.54 9.94
CA ALA C 107 6.29 -12.98 9.80
C ALA C 107 5.63 -13.83 10.88
N GLY C 108 4.96 -13.21 11.84
CA GLY C 108 4.24 -13.94 12.85
C GLY C 108 5.01 -14.13 14.13
N THR C 109 4.25 -14.41 15.20
CA THR C 109 4.76 -14.83 16.49
C THR C 109 4.03 -16.13 16.78
N GLN C 110 4.77 -17.20 17.03
CA GLN C 110 4.18 -18.53 17.24
C GLN C 110 3.87 -18.78 18.73
N LEU C 111 2.60 -18.82 19.09
CA LEU C 111 2.19 -19.10 20.46
C LEU C 111 1.85 -20.58 20.64
N ILE C 112 2.28 -21.14 21.78
CA ILE C 112 1.86 -22.47 22.21
C ILE C 112 1.39 -22.34 23.66
N VAL C 113 0.18 -22.80 23.92
CA VAL C 113 -0.40 -22.79 25.26
C VAL C 113 -0.44 -24.23 25.74
N ILE C 114 0.26 -24.50 26.83
CA ILE C 114 0.27 -25.83 27.45
C ILE C 114 -0.99 -25.97 28.29
N PRO C 115 -1.76 -27.07 28.09
CA PRO C 115 -3.00 -27.26 28.82
C PRO C 115 -2.80 -27.68 30.28
N ASP C 116 -3.72 -27.21 31.13
CA ASP C 116 -3.70 -27.48 32.56
C ASP C 116 -4.48 -28.76 32.80
N ILE C 117 -3.76 -29.89 32.88
CA ILE C 117 -4.36 -31.20 33.14
C ILE C 117 -4.69 -31.33 34.62
N GLN C 118 -5.98 -31.37 34.92
CA GLN C 118 -6.48 -31.26 36.29
C GLN C 118 -6.15 -32.52 37.09
N ASN C 119 -6.66 -33.66 36.60
CA ASN C 119 -6.66 -34.92 37.32
C ASN C 119 -6.05 -36.04 36.47
N PRO C 120 -4.71 -36.18 36.50
CA PRO C 120 -4.07 -37.23 35.69
C PRO C 120 -4.44 -38.64 36.15
N ASP C 121 -4.60 -39.55 35.19
CA ASP C 121 -5.01 -40.93 35.41
C ASP C 121 -4.26 -41.79 34.38
N PRO C 122 -2.91 -41.65 34.32
CA PRO C 122 -2.11 -42.20 33.22
C PRO C 122 -2.23 -43.72 33.06
N ALA C 123 -2.39 -44.16 31.81
CA ALA C 123 -2.62 -45.57 31.46
C ALA C 123 -2.13 -45.86 30.06
N VAL C 124 -1.96 -47.17 29.77
CA VAL C 124 -1.65 -47.66 28.42
C VAL C 124 -2.60 -48.79 28.04
N TYR C 125 -3.54 -48.51 27.13
CA TYR C 125 -4.52 -49.47 26.68
C TYR C 125 -4.17 -50.02 25.30
N GLN C 126 -4.78 -51.15 24.96
CA GLN C 126 -4.63 -51.78 23.66
C GLN C 126 -5.97 -51.75 22.92
N LEU C 127 -5.96 -51.26 21.69
CA LEU C 127 -7.19 -51.10 20.88
C LEU C 127 -7.05 -51.96 19.63
N ARG C 128 -8.12 -52.65 19.26
CA ARG C 128 -8.09 -53.60 18.14
C ARG C 128 -8.78 -53.05 16.89
N ASP C 129 -8.27 -53.44 15.71
CA ASP C 129 -8.85 -53.03 14.41
C ASP C 129 -10.21 -53.70 14.21
N SER C 130 -11.18 -52.91 13.74
CA SER C 130 -12.57 -53.35 13.55
C SER C 130 -12.70 -54.42 12.44
N LYS C 131 -12.03 -54.21 11.32
CA LYS C 131 -12.11 -55.11 10.17
C LYS C 131 -11.18 -56.33 10.24
N SER C 132 -10.31 -56.42 11.25
CA SER C 132 -9.24 -57.44 11.27
C SER C 132 -8.60 -57.54 12.65
N SER C 133 -9.21 -58.29 13.56
CA SER C 133 -8.90 -58.18 15.00
C SER C 133 -7.57 -58.80 15.50
N ASP C 134 -6.61 -58.99 14.59
CA ASP C 134 -5.25 -59.45 14.93
C ASP C 134 -4.17 -58.35 14.72
N LYS C 135 -4.60 -57.12 14.39
CA LYS C 135 -3.74 -55.92 14.40
C LYS C 135 -4.28 -54.95 15.46
N SER C 136 -3.38 -54.12 15.99
CA SER C 136 -3.72 -53.24 17.11
C SER C 136 -2.79 -52.04 17.27
N VAL C 137 -3.17 -51.13 18.15
CA VAL C 137 -2.34 -50.00 18.56
C VAL C 137 -2.28 -49.94 20.09
N CYS C 138 -1.31 -49.19 20.59
CA CYS C 138 -1.18 -48.97 22.02
C CYS C 138 -1.34 -47.48 22.29
N LEU C 139 -2.34 -47.15 23.12
CA LEU C 139 -2.68 -45.76 23.42
C LEU C 139 -2.26 -45.39 24.83
N PHE C 140 -1.15 -44.67 24.93
CA PHE C 140 -0.69 -44.06 26.19
C PHE C 140 -1.47 -42.78 26.39
N THR C 141 -2.24 -42.68 27.47
CA THR C 141 -3.20 -41.57 27.65
C THR C 141 -3.30 -41.09 29.10
N ASP C 142 -3.93 -39.94 29.28
CA ASP C 142 -4.23 -39.37 30.60
C ASP C 142 -3.00 -39.00 31.48
N PHE C 143 -1.92 -38.58 30.84
CA PHE C 143 -0.72 -38.10 31.54
C PHE C 143 -0.66 -36.57 31.53
N ASP C 144 -0.10 -35.95 32.57
CA ASP C 144 -0.05 -34.48 32.65
C ASP C 144 1.03 -33.90 31.73
N SER C 145 0.99 -32.57 31.55
CA SER C 145 1.81 -31.89 30.54
C SER C 145 3.31 -31.91 30.83
N GLN C 146 3.69 -32.20 32.07
CA GLN C 146 5.10 -32.43 32.44
C GLN C 146 5.62 -33.88 32.18
N THR C 147 4.96 -34.64 31.29
CA THR C 147 5.52 -35.89 30.73
C THR C 147 5.85 -35.68 29.24
N ASN C 148 7.02 -36.17 28.82
CA ASN C 148 7.47 -36.12 27.43
C ASN C 148 7.46 -37.51 26.82
N VAL C 149 7.06 -37.58 25.55
CA VAL C 149 6.90 -38.83 24.81
C VAL C 149 7.97 -38.90 23.73
N SER C 150 8.92 -39.82 23.89
CA SER C 150 10.04 -39.95 22.95
C SER C 150 9.74 -41.00 21.88
N GLN C 151 10.22 -40.76 20.66
CA GLN C 151 10.09 -41.71 19.53
C GLN C 151 10.95 -42.94 19.77
N SER C 152 10.64 -44.05 19.09
CA SER C 152 11.10 -45.38 19.54
C SER C 152 12.55 -45.77 19.24
N LYS C 153 13.01 -46.80 19.97
CA LYS C 153 14.33 -47.42 19.76
C LYS C 153 14.37 -48.14 18.42
N ASP C 154 13.50 -49.15 18.27
CA ASP C 154 13.34 -49.85 16.99
C ASP C 154 12.61 -48.94 16.01
N SER C 155 13.12 -48.81 14.78
CA SER C 155 12.48 -47.97 13.75
C SER C 155 11.20 -48.60 13.17
N ASP C 156 11.10 -49.94 13.22
CA ASP C 156 9.85 -50.66 12.89
C ASP C 156 8.67 -50.38 13.85
N VAL C 157 8.98 -49.96 15.07
CA VAL C 157 7.97 -49.43 16.00
C VAL C 157 7.75 -47.95 15.69
N TYR C 158 6.49 -47.52 15.74
CA TYR C 158 6.09 -46.12 15.47
C TYR C 158 5.41 -45.57 16.70
N ILE C 159 5.82 -44.37 17.11
CA ILE C 159 5.21 -43.67 18.25
C ILE C 159 5.01 -42.24 17.82
N THR C 160 3.77 -41.77 17.87
CA THR C 160 3.46 -40.39 17.51
C THR C 160 3.74 -39.50 18.70
N ASP C 161 3.92 -38.21 18.45
CA ASP C 161 4.11 -37.25 19.53
C ASP C 161 2.76 -37.02 20.25
N LYS C 162 2.84 -36.54 21.50
CA LYS C 162 1.64 -36.26 22.29
C LYS C 162 0.71 -35.24 21.62
N CYS C 163 -0.53 -35.20 22.10
CA CYS C 163 -1.59 -34.46 21.44
C CYS C 163 -2.76 -34.32 22.41
N VAL C 164 -3.19 -33.09 22.68
CA VAL C 164 -4.27 -32.87 23.64
C VAL C 164 -5.62 -32.74 22.93
N LEU C 165 -6.63 -33.40 23.49
CA LEU C 165 -8.00 -33.34 22.97
C LEU C 165 -8.90 -32.76 24.05
N ASP C 166 -10.02 -32.19 23.62
CA ASP C 166 -10.89 -31.39 24.49
C ASP C 166 -12.34 -31.83 24.29
N MET C 167 -12.82 -32.67 25.20
CA MET C 167 -14.24 -33.06 25.22
C MET C 167 -15.02 -31.90 25.82
N ARG C 168 -15.62 -31.08 24.96
CA ARG C 168 -16.08 -29.75 25.36
C ARG C 168 -17.30 -29.76 26.27
N SER C 169 -18.28 -30.62 25.99
CA SER C 169 -19.47 -30.77 26.84
C SER C 169 -19.17 -31.19 28.28
N MET C 170 -18.00 -31.80 28.52
CA MET C 170 -17.56 -32.18 29.87
C MET C 170 -16.46 -31.30 30.49
N ASP C 171 -15.99 -30.27 29.78
CA ASP C 171 -14.87 -29.44 30.23
C ASP C 171 -13.71 -30.35 30.65
N PHE C 172 -13.29 -31.19 29.71
CA PHE C 172 -12.32 -32.24 29.98
C PHE C 172 -11.25 -32.32 28.90
N LYS C 173 -10.00 -32.06 29.29
CA LYS C 173 -8.84 -32.22 28.42
C LYS C 173 -8.06 -33.46 28.80
N SER C 174 -7.39 -34.06 27.83
CA SER C 174 -6.51 -35.21 28.08
C SER C 174 -5.44 -35.31 27.00
N ASN C 175 -4.20 -35.58 27.42
CA ASN C 175 -3.11 -35.89 26.48
C ASN C 175 -3.23 -37.35 26.06
N SER C 176 -2.60 -37.67 24.93
CA SER C 176 -2.62 -39.02 24.39
C SER C 176 -1.44 -39.18 23.43
N ALA C 177 -0.95 -40.41 23.30
CA ALA C 177 0.05 -40.76 22.29
C ALA C 177 -0.21 -42.19 21.81
N VAL C 178 0.02 -42.44 20.52
CA VAL C 178 -0.32 -43.72 19.90
C VAL C 178 0.99 -44.38 19.47
N ALA C 179 1.09 -45.68 19.68
CA ALA C 179 2.24 -46.47 19.27
C ALA C 179 1.77 -47.79 18.66
N TRP C 180 2.49 -48.24 17.61
CA TRP C 180 2.16 -49.50 16.92
C TRP C 180 3.37 -50.13 16.20
N SER C 181 3.21 -51.40 15.82
CA SER C 181 4.21 -52.13 15.03
C SER C 181 3.72 -53.51 14.62
N ASN C 182 4.00 -53.90 13.39
CA ASN C 182 3.86 -55.30 12.95
C ASN C 182 4.96 -56.20 13.57
N LYS C 183 6.21 -55.73 13.58
CA LYS C 183 7.36 -56.48 14.10
C LYS C 183 7.43 -56.41 15.61
N ASP C 185 5.25 -60.24 19.22
CA ASP C 185 6.55 -59.80 19.72
C ASP C 185 6.68 -58.26 19.81
N PHE C 186 5.55 -57.57 19.62
CA PHE C 186 5.37 -56.17 20.04
C PHE C 186 4.20 -56.15 21.03
N ALA C 187 4.37 -55.47 22.17
CA ALA C 187 3.33 -55.38 23.20
C ALA C 187 3.29 -54.00 23.83
N CYS C 188 2.14 -53.68 24.42
CA CYS C 188 1.90 -52.35 24.97
C CYS C 188 2.66 -52.10 26.27
N ALA C 189 2.91 -53.15 27.05
CA ALA C 189 3.78 -53.03 28.22
C ALA C 189 5.21 -52.63 27.85
N ASN C 190 5.68 -53.08 26.70
CA ASN C 190 7.03 -52.77 26.18
C ASN C 190 7.06 -51.60 25.20
N ALA C 191 5.91 -51.06 24.83
CA ALA C 191 5.81 -50.06 23.77
C ALA C 191 6.48 -48.72 24.13
N PHE C 192 6.23 -48.24 25.33
CA PHE C 192 6.73 -46.94 25.79
C PHE C 192 7.89 -47.04 26.81
N ASN C 193 8.69 -48.10 26.70
CA ASN C 193 9.90 -48.27 27.55
C ASN C 193 10.84 -47.06 27.44
N ASN C 194 11.07 -46.60 26.22
CA ASN C 194 11.98 -45.47 25.93
C ASN C 194 11.52 -44.05 26.39
N SER C 195 10.34 -43.93 27.01
CA SER C 195 9.85 -42.66 27.58
C SER C 195 9.84 -42.74 29.10
N ILE C 196 10.17 -41.61 29.75
CA ILE C 196 10.04 -41.50 31.20
C ILE C 196 8.55 -41.33 31.53
N ILE C 197 7.88 -42.45 31.78
CA ILE C 197 6.45 -42.45 32.16
C ILE C 197 6.28 -42.63 33.68
N PRO C 198 5.24 -42.01 34.28
CA PRO C 198 4.93 -42.18 35.70
C PRO C 198 4.89 -43.64 36.19
N GLU C 199 5.14 -43.84 37.47
CA GLU C 199 5.16 -45.18 38.07
C GLU C 199 3.74 -45.69 38.31
N ASP C 200 2.82 -44.79 38.65
CA ASP C 200 1.39 -45.14 38.78
C ASP C 200 0.65 -45.41 37.44
N THR C 201 1.38 -45.49 36.32
CA THR C 201 0.77 -45.80 35.03
C THR C 201 0.09 -47.18 35.06
N PHE C 202 -1.17 -47.20 34.64
CA PHE C 202 -2.01 -48.39 34.64
C PHE C 202 -1.78 -49.24 33.38
N PHE C 203 -1.34 -50.50 33.58
CA PHE C 203 -1.16 -51.48 32.50
C PHE C 203 -2.14 -52.64 32.73
N PRO C 204 -3.33 -52.61 32.08
CA PRO C 204 -4.42 -53.54 32.40
C PRO C 204 -4.23 -55.02 32.02
N SER C 205 -5.09 -55.86 32.59
CA SER C 205 -5.13 -57.30 32.33
C SER C 205 -3.83 -58.00 32.72
N ALA D 3 -19.00 -10.72 4.22
CA ALA D 3 -18.38 -10.60 2.86
C ALA D 3 -17.40 -11.78 2.57
N ALA D 4 -17.94 -12.85 1.94
CA ALA D 4 -17.24 -14.14 1.80
C ALA D 4 -16.48 -14.33 0.46
N VAL D 5 -15.33 -14.97 0.56
CA VAL D 5 -14.42 -15.23 -0.57
C VAL D 5 -14.05 -16.73 -0.57
N THR D 6 -14.13 -17.35 -1.74
CA THR D 6 -13.89 -18.79 -1.89
C THR D 6 -12.70 -19.01 -2.81
N GLN D 7 -12.02 -20.14 -2.61
CA GLN D 7 -10.80 -20.48 -3.35
C GLN D 7 -10.87 -21.94 -3.78
N SER D 8 -10.60 -22.22 -5.05
CA SER D 8 -10.53 -23.61 -5.53
C SER D 8 -9.30 -23.79 -6.41
N PRO D 9 -8.56 -24.90 -6.28
CA PRO D 9 -8.78 -25.92 -5.26
C PRO D 9 -8.30 -25.43 -3.91
N ARG D 10 -8.52 -26.24 -2.89
CA ARG D 10 -8.03 -25.95 -1.56
C ARG D 10 -6.67 -26.61 -1.32
N ASN D 11 -6.31 -27.57 -2.15
CA ASN D 11 -5.13 -28.37 -1.93
C ASN D 11 -4.75 -29.07 -3.23
N LYS D 12 -3.50 -28.91 -3.67
CA LYS D 12 -3.03 -29.40 -4.98
C LYS D 12 -1.61 -29.98 -4.92
N VAL D 13 -1.44 -31.21 -5.41
CA VAL D 13 -0.13 -31.80 -5.67
C VAL D 13 0.10 -31.79 -7.17
N ALA D 14 1.23 -31.22 -7.59
CA ALA D 14 1.54 -31.00 -9.00
C ALA D 14 2.99 -31.32 -9.32
N VAL D 15 3.26 -31.59 -10.58
CA VAL D 15 4.61 -31.92 -11.05
C VAL D 15 5.26 -30.71 -11.73
N THR D 16 6.58 -30.58 -11.57
CA THR D 16 7.39 -29.57 -12.27
C THR D 16 7.06 -29.59 -13.75
N GLY D 17 6.85 -28.41 -14.34
CA GLY D 17 6.45 -28.30 -15.73
C GLY D 17 4.96 -28.27 -15.97
N GLY D 18 4.17 -28.66 -14.96
CA GLY D 18 2.71 -28.64 -15.08
C GLY D 18 2.09 -27.26 -15.14
N LYS D 19 0.83 -27.21 -15.58
CA LYS D 19 0.02 -26.00 -15.52
C LYS D 19 -0.89 -26.13 -14.33
N VAL D 20 -0.76 -25.22 -13.38
CA VAL D 20 -1.60 -25.16 -12.21
C VAL D 20 -2.38 -23.87 -12.28
N THR D 21 -3.65 -23.93 -11.89
CA THR D 21 -4.54 -22.76 -11.93
C THR D 21 -5.25 -22.65 -10.60
N LEU D 22 -4.84 -21.68 -9.79
CA LEU D 22 -5.55 -21.40 -8.55
C LEU D 22 -6.59 -20.33 -8.85
N SER D 23 -7.81 -20.56 -8.41
CA SER D 23 -8.95 -19.70 -8.71
C SER D 23 -9.55 -19.17 -7.42
N CYS D 24 -10.19 -18.02 -7.54
CA CYS D 24 -10.77 -17.36 -6.39
C CYS D 24 -12.05 -16.64 -6.80
N ASN D 25 -13.19 -17.11 -6.27
CA ASN D 25 -14.50 -16.54 -6.56
C ASN D 25 -14.99 -15.69 -5.37
N GLN D 26 -15.72 -14.61 -5.71
CA GLN D 26 -16.13 -13.58 -4.77
C GLN D 26 -17.45 -12.94 -5.24
N THR D 27 -18.53 -13.09 -4.47
CA THR D 27 -19.89 -12.62 -4.85
C THR D 27 -20.30 -11.24 -4.26
N ASN D 28 -19.34 -10.51 -3.71
CA ASN D 28 -19.59 -9.23 -3.05
C ASN D 28 -19.62 -8.04 -4.00
N ASN D 29 -19.35 -8.29 -5.28
CA ASN D 29 -19.27 -7.23 -6.28
C ASN D 29 -18.14 -6.23 -5.94
N HIS D 30 -17.09 -6.73 -5.29
CA HIS D 30 -15.90 -5.96 -5.03
C HIS D 30 -15.12 -5.80 -6.32
N ASN D 31 -14.77 -4.56 -6.66
CA ASN D 31 -13.92 -4.27 -7.81
C ASN D 31 -12.56 -4.94 -7.69
N ASN D 32 -12.02 -4.98 -6.48
CA ASN D 32 -10.58 -5.19 -6.30
C ASN D 32 -10.27 -6.55 -5.72
N MET D 33 -9.27 -7.23 -6.28
CA MET D 33 -8.86 -8.56 -5.80
C MET D 33 -7.34 -8.71 -5.79
N TYR D 34 -6.85 -9.58 -4.90
CA TYR D 34 -5.44 -9.65 -4.55
C TYR D 34 -5.00 -11.10 -4.39
N TRP D 35 -3.81 -11.43 -4.90
CA TRP D 35 -3.22 -12.75 -4.66
C TRP D 35 -1.91 -12.64 -3.90
N TYR D 36 -1.85 -13.35 -2.77
CA TYR D 36 -0.67 -13.49 -1.95
C TYR D 36 -0.19 -14.95 -1.85
N ARG D 37 1.05 -15.12 -1.42
CA ARG D 37 1.58 -16.43 -0.98
C ARG D 37 2.29 -16.30 0.38
N GLN D 38 2.11 -17.30 1.24
CA GLN D 38 2.66 -17.33 2.61
C GLN D 38 3.67 -18.48 2.74
N ASP D 39 4.94 -18.13 2.97
CA ASP D 39 6.00 -19.12 3.20
C ASP D 39 6.59 -18.84 4.57
N THR D 40 6.84 -19.91 5.32
CA THR D 40 7.32 -19.79 6.70
C THR D 40 8.55 -18.88 6.80
N GLY D 41 8.55 -17.99 7.79
CA GLY D 41 9.62 -17.01 7.93
C GLY D 41 9.46 -15.74 7.10
N HIS D 42 8.39 -15.65 6.31
CA HIS D 42 7.97 -14.39 5.69
C HIS D 42 6.54 -14.07 6.06
N GLY D 43 6.16 -12.82 5.86
CA GLY D 43 4.76 -12.44 5.87
C GLY D 43 4.15 -12.79 4.53
N LEU D 44 2.84 -12.63 4.42
CA LEU D 44 2.19 -12.68 3.10
C LEU D 44 2.84 -11.67 2.14
N ARG D 45 3.09 -12.09 0.90
CA ARG D 45 3.69 -11.24 -0.13
C ARG D 45 2.81 -11.20 -1.38
N LEU D 46 2.58 -10.01 -1.88
CA LEU D 46 1.65 -9.76 -2.97
C LEU D 46 2.26 -10.19 -4.32
N ILE D 47 1.53 -11.04 -5.06
CA ILE D 47 1.99 -11.57 -6.35
C ILE D 47 1.41 -10.75 -7.50
N HIS D 48 0.09 -10.82 -7.69
CA HIS D 48 -0.64 -10.01 -8.66
C HIS D 48 -1.93 -9.53 -8.02
N TYR D 49 -2.51 -8.47 -8.57
CA TYR D 49 -3.81 -7.99 -8.13
C TYR D 49 -4.62 -7.39 -9.29
N SER D 50 -5.87 -7.00 -9.05
CA SER D 50 -6.74 -6.48 -10.11
C SER D 50 -7.69 -5.43 -9.55
N TYR D 51 -7.99 -4.42 -10.37
CA TYR D 51 -8.93 -3.35 -10.03
C TYR D 51 -10.30 -3.52 -10.71
N GLY D 52 -10.46 -4.59 -11.49
CA GLY D 52 -11.69 -4.88 -12.18
C GLY D 52 -11.51 -5.89 -13.29
N ALA D 53 -12.63 -6.43 -13.74
CA ALA D 53 -12.68 -7.24 -14.96
C ALA D 53 -11.74 -6.68 -16.04
N GLY D 54 -10.76 -7.47 -16.46
CA GLY D 54 -9.83 -7.08 -17.53
C GLY D 54 -8.48 -6.61 -17.05
N SER D 55 -8.42 -6.01 -15.86
CA SER D 55 -7.17 -5.54 -15.26
C SER D 55 -6.42 -6.68 -14.59
N THR D 56 -5.11 -6.66 -14.76
CA THR D 56 -4.19 -7.39 -13.90
C THR D 56 -2.98 -6.53 -13.67
N GLU D 57 -2.47 -6.50 -12.44
CA GLU D 57 -1.30 -5.72 -12.10
C GLU D 57 -0.25 -6.57 -11.41
N LYS D 58 1.01 -6.29 -11.70
CA LYS D 58 2.12 -6.97 -11.05
C LYS D 58 2.22 -6.49 -9.61
N GLY D 59 2.46 -7.43 -8.70
CA GLY D 59 2.70 -7.13 -7.28
C GLY D 59 4.17 -7.04 -7.01
N ASP D 60 4.59 -7.49 -5.82
CA ASP D 60 5.99 -7.45 -5.41
C ASP D 60 6.81 -8.64 -5.92
N ILE D 61 6.17 -9.80 -6.06
CA ILE D 61 6.83 -11.05 -6.52
C ILE D 61 6.04 -11.75 -7.64
N PRO D 62 5.80 -11.03 -8.76
CA PRO D 62 4.99 -11.56 -9.87
C PRO D 62 5.65 -12.68 -10.68
N ASP D 63 6.98 -12.71 -10.71
CA ASP D 63 7.71 -13.70 -11.52
C ASP D 63 7.26 -15.14 -11.25
N GLY D 64 6.94 -15.86 -12.33
CA GLY D 64 6.46 -17.25 -12.26
C GLY D 64 4.96 -17.37 -12.47
N TYR D 65 4.22 -16.28 -12.24
CA TYR D 65 2.76 -16.29 -12.24
C TYR D 65 2.18 -15.33 -13.28
N LYS D 66 1.13 -15.78 -13.96
CA LYS D 66 0.27 -14.95 -14.76
C LYS D 66 -1.04 -14.81 -13.99
N ALA D 67 -1.70 -13.67 -14.14
CA ALA D 67 -2.99 -13.43 -13.49
C ALA D 67 -4.05 -13.25 -14.54
N SER D 68 -5.29 -13.44 -14.16
CA SER D 68 -6.41 -13.37 -15.08
C SER D 68 -7.67 -12.95 -14.36
N ARG D 69 -8.21 -11.80 -14.74
CA ARG D 69 -9.50 -11.34 -14.26
C ARG D 69 -10.52 -11.35 -15.40
N PRO D 70 -11.11 -12.53 -15.70
CA PRO D 70 -12.16 -12.60 -16.72
C PRO D 70 -13.46 -11.89 -16.36
N SER D 71 -13.73 -11.74 -15.07
CA SER D 71 -14.98 -11.15 -14.60
C SER D 71 -14.81 -10.52 -13.23
N GLN D 72 -15.87 -9.85 -12.78
CA GLN D 72 -15.91 -9.27 -11.44
C GLN D 72 -15.82 -10.35 -10.37
N GLU D 73 -16.39 -11.52 -10.63
CA GLU D 73 -16.39 -12.63 -9.64
C GLU D 73 -15.03 -13.36 -9.48
N ASN D 74 -14.33 -13.65 -10.58
CA ASN D 74 -13.18 -14.55 -10.55
C ASN D 74 -11.89 -13.82 -10.82
N PHE D 75 -10.90 -14.05 -9.95
CA PHE D 75 -9.51 -13.64 -10.15
C PHE D 75 -8.66 -14.90 -10.02
N SER D 76 -8.08 -15.33 -11.12
CA SER D 76 -7.38 -16.61 -11.24
C SER D 76 -5.87 -16.38 -11.31
N LEU D 77 -5.10 -17.22 -10.60
CA LEU D 77 -3.65 -17.20 -10.62
C LEU D 77 -3.17 -18.42 -11.39
N ILE D 78 -2.38 -18.18 -12.45
CA ILE D 78 -1.96 -19.25 -13.36
C ILE D 78 -0.45 -19.41 -13.28
N LEU D 79 -0.01 -20.63 -12.94
CA LEU D 79 1.40 -21.01 -12.97
C LEU D 79 1.56 -21.82 -14.25
N GLU D 80 2.19 -21.21 -15.25
CA GLU D 80 2.26 -21.79 -16.60
C GLU D 80 3.23 -22.98 -16.64
N LEU D 81 4.43 -22.79 -16.08
CA LEU D 81 5.41 -23.86 -15.90
C LEU D 81 5.77 -23.93 -14.42
N ALA D 82 5.16 -24.88 -13.70
CA ALA D 82 5.32 -24.99 -12.25
C ALA D 82 6.76 -25.29 -11.85
N THR D 83 7.13 -24.91 -10.64
CA THR D 83 8.46 -25.21 -10.08
C THR D 83 8.34 -25.49 -8.58
N PRO D 84 9.29 -26.25 -8.00
CA PRO D 84 9.25 -26.51 -6.56
C PRO D 84 9.25 -25.25 -5.68
N SER D 85 9.92 -24.19 -6.13
CA SER D 85 9.90 -22.90 -5.41
C SER D 85 8.49 -22.34 -5.19
N GLN D 86 7.55 -22.65 -6.08
CA GLN D 86 6.13 -22.27 -5.94
C GLN D 86 5.29 -23.12 -4.98
N THR D 87 5.92 -24.10 -4.32
CA THR D 87 5.31 -24.73 -3.15
C THR D 87 5.06 -23.65 -2.10
N SER D 88 3.80 -23.42 -1.77
CA SER D 88 3.42 -22.39 -0.78
C SER D 88 1.98 -22.59 -0.30
N VAL D 89 1.47 -21.64 0.49
CA VAL D 89 0.04 -21.56 0.80
C VAL D 89 -0.40 -20.23 0.22
N TYR D 90 -1.31 -20.28 -0.76
CA TYR D 90 -1.73 -19.10 -1.52
C TYR D 90 -3.03 -18.57 -0.94
N PHE D 91 -3.09 -17.26 -0.72
CA PHE D 91 -4.28 -16.61 -0.21
C PHE D 91 -4.78 -15.59 -1.21
N CYS D 92 -6.09 -15.59 -1.42
CA CYS D 92 -6.79 -14.63 -2.25
C CYS D 92 -7.46 -13.62 -1.34
N ALA D 93 -7.70 -12.42 -1.86
CA ALA D 93 -8.49 -11.42 -1.12
C ALA D 93 -9.25 -10.52 -2.06
N SER D 94 -10.34 -9.93 -1.55
CA SER D 94 -11.13 -8.94 -2.27
C SER D 94 -11.40 -7.73 -1.41
N GLY D 95 -11.77 -6.63 -2.06
CA GLY D 95 -12.19 -5.42 -1.35
C GLY D 95 -12.85 -4.43 -2.29
N ASP D 96 -13.65 -3.53 -1.73
CA ASP D 96 -14.14 -2.38 -2.48
C ASP D 96 -13.16 -1.22 -2.27
N GLU D 97 -13.62 0.03 -2.36
CA GLU D 97 -12.74 1.20 -2.27
C GLU D 97 -12.05 1.39 -0.92
N GLY D 98 -12.63 0.82 0.14
CA GLY D 98 -12.04 0.91 1.48
C GLY D 98 -10.75 0.12 1.61
N TYR D 99 -10.13 0.20 2.78
CA TYR D 99 -8.85 -0.48 2.98
C TYR D 99 -8.95 -1.96 3.34
N THR D 100 -10.09 -2.41 3.85
CA THR D 100 -10.24 -3.80 4.30
C THR D 100 -10.14 -4.76 3.13
N GLN D 101 -9.26 -5.76 3.27
CA GLN D 101 -9.16 -6.87 2.33
C GLN D 101 -9.68 -8.10 3.04
N TYR D 102 -10.69 -8.72 2.44
CA TYR D 102 -11.42 -9.85 3.01
C TYR D 102 -10.75 -11.07 2.41
N PHE D 103 -10.13 -11.89 3.26
CA PHE D 103 -9.29 -13.02 2.79
C PHE D 103 -10.05 -14.31 2.59
N GLY D 104 -9.59 -15.10 1.63
CA GLY D 104 -10.10 -16.44 1.41
C GLY D 104 -9.44 -17.43 2.37
N PRO D 105 -9.93 -18.69 2.38
CA PRO D 105 -9.48 -19.70 3.35
C PRO D 105 -8.08 -20.28 3.13
N GLY D 106 -7.47 -20.01 1.97
CA GLY D 106 -6.15 -20.49 1.62
C GLY D 106 -6.18 -21.72 0.73
N THR D 107 -5.18 -21.82 -0.16
CA THR D 107 -4.96 -22.96 -1.04
C THR D 107 -3.52 -23.43 -0.83
N ARG D 108 -3.35 -24.70 -0.43
CA ARG D 108 -2.02 -25.30 -0.29
C ARG D 108 -1.57 -25.94 -1.60
N LEU D 109 -0.38 -25.56 -2.07
CA LEU D 109 0.20 -26.15 -3.28
C LEU D 109 1.55 -26.78 -2.95
N LEU D 110 1.76 -28.02 -3.40
CA LEU D 110 3.06 -28.69 -3.37
C LEU D 110 3.44 -29.04 -4.79
N VAL D 111 4.60 -28.55 -5.24
CA VAL D 111 5.12 -28.88 -6.57
C VAL D 111 6.30 -29.84 -6.42
N LEU D 112 6.10 -31.09 -6.84
CA LEU D 112 7.13 -32.14 -6.78
C LEU D 112 7.97 -32.14 -8.04
N GLU D 113 9.12 -32.82 -7.96
CA GLU D 113 9.99 -33.03 -9.12
C GLU D 113 9.41 -34.13 -10.00
N ASP D 114 9.04 -35.25 -9.38
CA ASP D 114 8.34 -36.35 -10.06
C ASP D 114 7.20 -36.87 -9.18
N LEU D 115 6.18 -37.41 -9.85
CA LEU D 115 5.03 -38.01 -9.18
C LEU D 115 5.19 -39.52 -8.97
N ARG D 116 6.41 -40.06 -9.10
CA ARG D 116 6.59 -41.52 -9.16
C ARG D 116 6.19 -42.21 -7.85
N ASN D 117 6.42 -41.53 -6.73
CA ASN D 117 6.12 -42.10 -5.40
C ASN D 117 4.74 -41.74 -4.84
N VAL D 118 3.92 -41.00 -5.60
CA VAL D 118 2.61 -40.59 -5.11
C VAL D 118 1.77 -41.86 -4.88
N THR D 119 1.07 -41.91 -3.75
CA THR D 119 0.42 -43.16 -3.29
C THR D 119 -0.58 -42.87 -2.15
N PRO D 120 -1.83 -43.36 -2.27
CA PRO D 120 -2.85 -43.03 -1.28
C PRO D 120 -2.66 -43.80 0.03
N PRO D 121 -3.35 -43.40 1.10
CA PRO D 121 -3.25 -44.07 2.38
C PRO D 121 -4.12 -45.32 2.53
N LYS D 122 -3.70 -46.22 3.42
CA LYS D 122 -4.56 -47.27 3.97
C LYS D 122 -5.05 -46.70 5.28
N VAL D 123 -6.36 -46.74 5.49
CA VAL D 123 -6.95 -46.16 6.69
C VAL D 123 -7.50 -47.29 7.57
N SER D 124 -7.15 -47.30 8.85
CA SER D 124 -7.64 -48.31 9.81
C SER D 124 -8.24 -47.63 11.04
N LEU D 125 -9.44 -48.05 11.45
CA LEU D 125 -10.10 -47.55 12.68
C LEU D 125 -9.93 -48.58 13.78
N PHE D 126 -9.50 -48.11 14.96
CA PHE D 126 -9.25 -48.99 16.11
C PHE D 126 -10.25 -48.69 17.23
N GLU D 127 -10.87 -49.75 17.75
CA GLU D 127 -12.02 -49.61 18.64
C GLU D 127 -11.61 -49.55 20.12
N PRO D 128 -12.31 -48.73 20.90
CA PRO D 128 -11.92 -48.46 22.29
C PRO D 128 -11.74 -49.69 23.18
N SER D 129 -10.76 -49.62 24.06
CA SER D 129 -10.42 -50.70 24.98
C SER D 129 -11.54 -50.92 26.01
N LYS D 130 -11.86 -52.19 26.27
CA LYS D 130 -12.86 -52.57 27.32
C LYS D 130 -12.40 -52.10 28.71
N ALA D 131 -11.08 -52.08 28.93
CA ALA D 131 -10.47 -51.57 30.16
C ALA D 131 -10.56 -50.05 30.31
N GLU D 132 -10.35 -49.32 29.23
CA GLU D 132 -10.49 -47.86 29.25
C GLU D 132 -11.90 -47.46 29.67
N ILE D 133 -12.89 -48.06 29.01
CA ILE D 133 -14.32 -47.84 29.33
C ILE D 133 -14.60 -47.97 30.83
N SER D 134 -14.14 -49.06 31.43
CA SER D 134 -14.38 -49.34 32.85
C SER D 134 -13.52 -48.50 33.78
N HIS D 135 -12.28 -48.20 33.39
CA HIS D 135 -11.36 -47.37 34.20
C HIS D 135 -11.71 -45.87 34.22
N THR D 136 -12.23 -45.34 33.11
CA THR D 136 -12.49 -43.89 32.94
C THR D 136 -13.94 -43.48 32.62
N GLN D 137 -14.80 -44.43 32.27
CA GLN D 137 -16.13 -44.15 31.67
C GLN D 137 -16.06 -43.38 30.34
N LYS D 138 -14.96 -43.57 29.62
CA LYS D 138 -14.71 -42.93 28.34
C LYS D 138 -14.12 -43.94 27.37
N ALA D 139 -14.38 -43.69 26.08
CA ALA D 139 -14.00 -44.59 25.02
C ALA D 139 -13.26 -43.80 23.96
N THR D 140 -12.03 -44.21 23.67
CA THR D 140 -11.17 -43.55 22.69
C THR D 140 -11.02 -44.45 21.46
N LEU D 141 -11.58 -44.01 20.35
CA LEU D 141 -11.32 -44.59 19.03
C LEU D 141 -9.96 -44.04 18.55
N VAL D 142 -9.25 -44.83 17.74
CA VAL D 142 -8.04 -44.37 17.09
C VAL D 142 -8.08 -44.68 15.59
N CYS D 143 -7.76 -43.68 14.78
CA CYS D 143 -7.67 -43.82 13.35
C CYS D 143 -6.23 -43.69 12.92
N LEU D 144 -5.86 -44.46 11.91
CA LEU D 144 -4.48 -44.62 11.48
C LEU D 144 -4.38 -44.62 9.94
N ALA D 145 -3.92 -43.50 9.40
CA ALA D 145 -3.64 -43.39 7.96
C ALA D 145 -2.19 -43.77 7.79
N THR D 146 -1.90 -44.71 6.89
CA THR D 146 -0.55 -45.20 6.70
C THR D 146 -0.23 -45.45 5.22
N GLY D 147 1.05 -45.47 4.92
CA GLY D 147 1.58 -45.85 3.61
C GLY D 147 1.46 -44.79 2.53
N PHE D 148 1.25 -43.53 2.92
CA PHE D 148 0.91 -42.48 1.94
C PHE D 148 2.05 -41.52 1.63
N TYR D 149 1.97 -40.91 0.45
CA TYR D 149 2.94 -39.90 0.01
C TYR D 149 2.33 -39.10 -1.13
N PRO D 150 2.47 -37.76 -1.17
CA PRO D 150 3.13 -36.93 -0.13
C PRO D 150 2.21 -36.69 1.09
N ASP D 151 2.63 -35.81 2.00
CA ASP D 151 1.91 -35.56 3.26
C ASP D 151 0.61 -34.73 3.18
N HIS D 152 0.10 -34.45 1.97
CA HIS D 152 -1.13 -33.66 1.80
C HIS D 152 -2.42 -34.49 2.03
N VAL D 153 -2.72 -34.67 3.31
CA VAL D 153 -3.93 -35.36 3.76
C VAL D 153 -4.72 -34.49 4.73
N GLU D 154 -6.02 -34.70 4.76
CA GLU D 154 -6.92 -34.05 5.71
C GLU D 154 -7.73 -35.14 6.39
N LEU D 155 -7.46 -35.38 7.67
CA LEU D 155 -8.17 -36.40 8.43
C LEU D 155 -9.37 -35.76 9.10
N SER D 156 -10.56 -36.32 8.90
CA SER D 156 -11.77 -35.82 9.57
C SER D 156 -12.54 -36.98 10.21
N TRP D 157 -13.24 -36.67 11.29
CA TRP D 157 -14.07 -37.63 12.02
C TRP D 157 -15.54 -37.33 11.82
N TRP D 158 -16.34 -38.37 11.59
CA TRP D 158 -17.76 -38.23 11.32
C TRP D 158 -18.58 -39.19 12.19
N VAL D 159 -19.63 -38.66 12.82
CA VAL D 159 -20.57 -39.45 13.60
C VAL D 159 -21.97 -39.21 13.03
N ASN D 160 -22.55 -40.29 12.50
CA ASN D 160 -23.86 -40.30 11.86
C ASN D 160 -23.95 -39.29 10.71
N GLY D 161 -22.90 -39.30 9.89
CA GLY D 161 -22.84 -38.46 8.71
C GLY D 161 -22.62 -36.99 8.99
N LYS D 162 -22.26 -36.65 10.22
CA LYS D 162 -21.95 -35.26 10.56
C LYS D 162 -20.56 -35.16 11.22
N GLU D 163 -19.78 -34.19 10.76
CA GLU D 163 -18.41 -34.03 11.23
C GLU D 163 -18.38 -33.59 12.69
N VAL D 164 -17.51 -34.21 13.49
CA VAL D 164 -17.31 -33.86 14.91
C VAL D 164 -15.89 -33.32 15.12
N HIS D 165 -15.77 -32.28 15.93
CA HIS D 165 -14.48 -31.68 16.33
C HIS D 165 -14.21 -31.79 17.83
N SER D 166 -15.25 -31.60 18.65
CA SER D 166 -15.16 -31.90 20.08
C SER D 166 -14.58 -33.30 20.31
N GLY D 167 -13.64 -33.39 21.24
CA GLY D 167 -13.05 -34.67 21.63
C GLY D 167 -12.08 -35.28 20.63
N VAL D 168 -11.63 -34.49 19.65
CA VAL D 168 -10.71 -34.94 18.62
C VAL D 168 -9.34 -34.31 18.89
N CYS D 169 -8.29 -34.99 18.47
CA CYS D 169 -7.02 -34.34 18.12
C CYS D 169 -6.19 -35.22 17.18
N THR D 170 -5.60 -34.58 16.19
CA THR D 170 -4.82 -35.23 15.14
C THR D 170 -3.37 -34.78 15.23
N ASP D 171 -2.45 -35.69 14.98
CA ASP D 171 -1.03 -35.40 14.97
C ASP D 171 -0.74 -34.07 14.24
N PRO D 172 0.09 -33.18 14.84
CA PRO D 172 0.38 -31.88 14.20
C PRO D 172 0.97 -32.03 12.80
N GLN D 173 1.89 -32.98 12.64
CA GLN D 173 2.37 -33.39 11.31
C GLN D 173 2.54 -34.92 11.26
N PRO D 174 2.54 -35.51 10.06
CA PRO D 174 2.65 -36.96 9.99
C PRO D 174 4.08 -37.41 10.18
N LEU D 175 4.28 -38.58 10.77
CA LEU D 175 5.62 -39.16 10.92
C LEU D 175 6.04 -39.99 9.70
N LYS D 176 7.36 -40.10 9.49
CA LYS D 176 7.92 -40.83 8.35
C LYS D 176 8.10 -42.32 8.65
N GLU D 177 7.65 -43.15 7.73
CA GLU D 177 7.70 -44.61 7.91
C GLU D 177 9.12 -45.16 7.76
N GLN D 178 9.91 -44.54 6.88
CA GLN D 178 11.32 -44.91 6.67
C GLN D 178 12.16 -43.63 6.74
N PRO D 179 12.47 -43.12 7.96
CA PRO D 179 13.18 -41.83 8.08
C PRO D 179 14.57 -41.75 7.41
N ALA D 180 15.14 -42.89 7.02
CA ALA D 180 16.31 -42.93 6.13
C ALA D 180 15.96 -42.39 4.74
N LEU D 181 15.05 -43.09 4.06
CA LEU D 181 14.76 -42.86 2.64
C LEU D 181 14.25 -41.45 2.33
N ASN D 182 14.69 -40.91 1.17
CA ASN D 182 14.47 -39.50 0.82
C ASN D 182 12.99 -39.21 0.60
N ASP D 183 12.32 -40.08 -0.15
CA ASP D 183 10.88 -39.95 -0.46
C ASP D 183 10.03 -40.93 0.37
N SER D 184 10.31 -41.00 1.67
CA SER D 184 9.61 -41.89 2.59
C SER D 184 8.10 -41.69 2.57
N ARG D 185 7.37 -42.79 2.65
CA ARG D 185 5.94 -42.75 2.91
C ARG D 185 5.67 -42.31 4.36
N TYR D 186 4.48 -41.74 4.58
CA TYR D 186 4.05 -41.19 5.87
C TYR D 186 2.95 -42.03 6.54
N SER D 187 2.84 -41.85 7.85
CA SER D 187 1.69 -42.32 8.63
C SER D 187 1.18 -41.16 9.48
N LEU D 188 -0.09 -41.23 9.87
CA LEU D 188 -0.73 -40.19 10.65
C LEU D 188 -1.76 -40.85 11.54
N SER D 189 -1.77 -40.49 12.82
CA SER D 189 -2.73 -41.00 13.80
C SER D 189 -3.70 -39.90 14.22
N SER D 190 -4.90 -40.28 14.64
CA SER D 190 -5.86 -39.34 15.22
C SER D 190 -6.69 -40.04 16.26
N ARG D 191 -7.16 -39.30 17.26
CA ARG D 191 -8.02 -39.86 18.32
C ARG D 191 -9.35 -39.13 18.35
N LEU D 192 -10.41 -39.88 18.63
CA LEU D 192 -11.74 -39.34 18.96
C LEU D 192 -12.19 -39.99 20.27
N ARG D 193 -12.21 -39.21 21.35
CA ARG D 193 -12.66 -39.71 22.65
C ARG D 193 -14.10 -39.27 22.90
N VAL D 194 -14.95 -40.24 23.25
CA VAL D 194 -16.36 -39.99 23.56
C VAL D 194 -16.72 -40.66 24.89
N SER D 195 -17.91 -40.34 25.38
CA SER D 195 -18.42 -40.94 26.63
C SER D 195 -18.71 -42.43 26.39
N ALA D 196 -18.48 -43.24 27.42
CA ALA D 196 -18.67 -44.69 27.30
C ALA D 196 -20.07 -45.05 26.80
N THR D 197 -21.11 -44.38 27.33
CA THR D 197 -22.49 -44.65 26.89
C THR D 197 -22.77 -44.22 25.45
N PHE D 198 -22.00 -43.26 24.93
CA PHE D 198 -22.09 -42.86 23.51
C PHE D 198 -21.53 -43.97 22.60
N TRP D 199 -20.34 -44.47 22.95
CA TRP D 199 -19.76 -45.64 22.28
C TRP D 199 -20.64 -46.88 22.40
N GLN D 200 -21.32 -47.03 23.54
CA GLN D 200 -22.15 -48.22 23.80
C GLN D 200 -23.49 -48.20 23.05
N ASN D 201 -23.88 -47.03 22.55
CA ASN D 201 -25.08 -46.90 21.73
C ASN D 201 -24.82 -47.50 20.33
N PRO D 202 -25.47 -48.64 20.00
CA PRO D 202 -25.19 -49.33 18.74
C PRO D 202 -25.74 -48.65 17.49
N ARG D 203 -26.42 -47.52 17.65
CA ARG D 203 -26.97 -46.77 16.53
C ARG D 203 -26.08 -45.60 16.11
N ASN D 204 -25.07 -45.26 16.92
CA ASN D 204 -24.04 -44.29 16.51
C ASN D 204 -23.03 -44.93 15.55
N HIS D 205 -22.91 -44.35 14.36
CA HIS D 205 -21.99 -44.83 13.32
C HIS D 205 -20.74 -43.96 13.20
N PHE D 206 -19.59 -44.51 13.56
CA PHE D 206 -18.32 -43.77 13.61
C PHE D 206 -17.55 -43.95 12.32
N ARG D 207 -16.91 -42.86 11.86
CA ARG D 207 -16.09 -42.95 10.67
C ARG D 207 -14.91 -41.99 10.65
N CYS D 208 -13.73 -42.54 10.36
CA CYS D 208 -12.55 -41.77 10.08
C CYS D 208 -12.37 -41.69 8.58
N GLN D 209 -12.17 -40.49 8.06
CA GLN D 209 -12.03 -40.25 6.63
C GLN D 209 -10.73 -39.51 6.38
N VAL D 210 -9.91 -40.02 5.48
CA VAL D 210 -8.74 -39.27 5.00
C VAL D 210 -8.96 -38.81 3.55
N GLN D 211 -8.90 -37.50 3.37
CA GLN D 211 -8.92 -36.89 2.05
C GLN D 211 -7.47 -36.81 1.58
N PHE D 212 -7.10 -37.68 0.66
CA PHE D 212 -5.76 -37.68 0.10
C PHE D 212 -5.79 -36.80 -1.14
N TYR D 213 -4.74 -36.02 -1.36
CA TYR D 213 -4.59 -35.19 -2.56
C TYR D 213 -3.41 -35.71 -3.36
N GLY D 214 -3.67 -36.09 -4.62
CA GLY D 214 -2.66 -36.68 -5.49
C GLY D 214 -2.85 -36.24 -6.92
N LEU D 215 -2.87 -37.19 -7.84
CA LEU D 215 -2.96 -36.90 -9.28
C LEU D 215 -4.38 -36.56 -9.73
N SER D 216 -4.47 -35.98 -10.92
CA SER D 216 -5.74 -35.70 -11.60
C SER D 216 -6.08 -36.79 -12.58
N GLU D 217 -7.25 -36.67 -13.20
CA GLU D 217 -7.59 -37.42 -14.42
C GLU D 217 -6.52 -37.21 -15.51
N ASN D 218 -6.05 -35.97 -15.67
CA ASN D 218 -5.17 -35.58 -16.77
C ASN D 218 -3.66 -35.80 -16.54
N ASP D 219 -3.25 -36.25 -15.36
CA ASP D 219 -1.83 -36.55 -15.10
C ASP D 219 -1.46 -37.91 -15.71
N GLU D 220 -0.35 -37.98 -16.46
CA GLU D 220 0.05 -39.23 -17.14
C GLU D 220 0.57 -40.21 -16.12
N TRP D 221 0.22 -41.49 -16.25
CA TRP D 221 0.65 -42.54 -15.32
C TRP D 221 1.29 -43.69 -16.09
N THR D 222 2.56 -43.96 -15.80
CA THR D 222 3.35 -44.93 -16.57
C THR D 222 3.50 -46.29 -15.89
N GLN D 223 3.18 -46.38 -14.60
CA GLN D 223 3.40 -47.62 -13.83
C GLN D 223 2.21 -48.56 -13.87
N ASP D 224 2.46 -49.80 -13.51
CA ASP D 224 1.42 -50.83 -13.49
C ASP D 224 0.37 -50.52 -12.44
N ARG D 225 0.81 -50.18 -11.21
CA ARG D 225 -0.12 -49.98 -10.07
C ARG D 225 -1.17 -48.88 -10.28
N ALA D 226 -2.29 -49.03 -9.57
CA ALA D 226 -3.41 -48.08 -9.60
C ALA D 226 -2.95 -46.63 -9.48
N LYS D 227 -3.56 -45.77 -10.29
CA LYS D 227 -3.20 -44.36 -10.38
C LYS D 227 -3.55 -43.63 -9.08
N PRO D 228 -2.55 -43.07 -8.36
CA PRO D 228 -2.78 -42.51 -7.04
C PRO D 228 -3.47 -41.13 -7.11
N VAL D 229 -4.76 -41.18 -7.46
CA VAL D 229 -5.57 -39.99 -7.64
C VAL D 229 -5.96 -39.36 -6.30
N THR D 230 -6.26 -38.07 -6.35
CA THR D 230 -6.95 -37.39 -5.26
C THR D 230 -8.18 -38.21 -4.94
N GLN D 231 -8.32 -38.62 -3.67
CA GLN D 231 -9.39 -39.53 -3.28
C GLN D 231 -9.63 -39.59 -1.78
N ILE D 232 -10.76 -40.17 -1.42
CA ILE D 232 -11.12 -40.39 -0.05
C ILE D 232 -10.95 -41.88 0.26
N VAL D 233 -10.23 -42.14 1.34
CA VAL D 233 -10.21 -43.45 1.98
C VAL D 233 -10.76 -43.24 3.39
N SER D 234 -11.60 -44.17 3.84
CA SER D 234 -12.18 -44.10 5.17
C SER D 234 -12.19 -45.45 5.86
N ALA D 235 -12.41 -45.41 7.17
CA ALA D 235 -12.60 -46.60 7.98
C ALA D 235 -13.70 -46.28 8.98
N GLU D 236 -14.39 -47.32 9.43
CA GLU D 236 -15.76 -47.21 9.87
C GLU D 236 -16.12 -48.28 10.91
N ALA D 237 -16.92 -47.89 11.91
CA ALA D 237 -17.42 -48.83 12.97
C ALA D 237 -18.72 -48.35 13.62
N TRP D 238 -19.49 -49.29 14.14
CA TRP D 238 -20.68 -48.96 14.96
C TRP D 238 -20.37 -49.16 16.45
N GLY D 239 -21.17 -48.52 17.28
CA GLY D 239 -21.10 -48.72 18.72
C GLY D 239 -21.64 -50.09 19.11
N ARG D 240 -21.49 -50.46 20.38
CA ARG D 240 -21.93 -51.77 20.90
C ARG D 240 -21.93 -51.81 22.43
N ALA D 241 -22.97 -52.43 23.02
CA ALA D 241 -23.08 -52.56 24.48
C ALA D 241 -22.29 -53.77 24.96
#